data_2KQO
#
_entry.id   2KQO
#
loop_
_chem_comp.id
_chem_comp.type
_chem_comp.name
_chem_comp.formula
BDP D-saccharide, beta linking 'beta-D-glucopyranuronic acid' 'C6 H10 O7'
NGA D-saccharide, beta linking 2-acetamido-2-deoxy-beta-D-galactopyranose 'C8 H15 N O6'
#
# COMPACT_ATOMS: atom_id res chain seq x y z
C1 NGA A . 4.92 -12.19 1.60
C2 NGA A . 3.48 -11.67 1.34
C3 NGA A . 3.35 -10.20 1.77
C4 NGA A . 3.82 -9.98 3.22
C5 NGA A . 5.23 -10.54 3.44
C6 NGA A . 5.71 -10.44 4.89
C7 NGA A . 1.95 -12.14 -0.54
C8 NGA A . 1.80 -12.25 -2.06
N2 NGA A . 3.15 -11.79 -0.09
O1 NGA A . 5.01 -13.60 1.32
O3 NGA A . 1.93 -9.77 1.67
O4 NGA A . 2.88 -10.63 4.10
O5 NGA A . 5.28 -11.97 3.01
O6 NGA A . 7.05 -10.98 4.97
O7 NGA A . 1.00 -12.34 0.23
H1 NGA A . 5.63 -11.66 0.97
H2 NGA A . 2.78 -12.27 1.91
H3 NGA A . 3.96 -9.58 1.12
H4 NGA A . 3.82 -8.91 3.43
H5 NGA A . 5.92 -9.98 2.81
H61 NGA A . 5.73 -9.39 5.21
H62 NGA A . 5.05 -10.99 5.55
H81 NGA A . 1.99 -11.28 -2.53
H82 NGA A . 0.79 -12.57 -2.31
H83 NGA A . 2.51 -12.99 -2.45
HN2 NGA A . 3.89 -11.61 -0.76
HO1 NGA A . 5.87 -13.91 1.64
HO4 NGA A . 1.99 -10.30 3.89
HO6 NGA A . 7.01 -11.86 4.56
C1 BDP A . 1.71 -8.60 0.81
C2 BDP A . 0.19 -8.44 0.58
C3 BDP A . -0.07 -7.19 -0.26
C4 BDP A . 0.60 -5.93 0.32
C5 BDP A . 2.08 -6.12 0.65
C6 BDP A . 2.63 -4.85 1.40
O2 BDP A . -0.29 -9.63 -0.11
O3 BDP A . -1.51 -6.92 -0.35
O4 BDP A . 0.47 -4.89 -0.72
O5 BDP A . 2.23 -7.39 1.44
O6A BDP A . 2.80 -3.78 0.75
O6B BDP A . 2.90 -4.93 2.62
H1 BDP A . 2.21 -8.76 -0.14
H2 BDP A . -0.30 -8.36 1.55
H3 BDP A . 0.31 -7.35 -1.27
H4 BDP A . 0.07 -5.62 1.22
H5 BDP A . 2.65 -6.24 -0.27
HO2 BDP A . 0.08 -10.39 0.37
HO3 BDP A . -1.61 -6.02 -0.70
C1 NGA A . -0.27 -3.69 -0.31
C2 NGA A . -0.03 -2.54 -1.32
C3 NGA A . -0.84 -1.31 -0.92
C4 NGA A . -2.33 -1.65 -0.70
C5 NGA A . -2.51 -2.84 0.26
C6 NGA A . -3.97 -3.29 0.41
C7 NGA A . 2.01 -1.79 -2.48
C8 NGA A . 3.54 -1.60 -2.37
N2 NGA A . 1.40 -2.23 -1.38
O3 NGA A . -0.76 -0.27 -1.97
O4 NGA A . -2.91 -1.96 -1.99
O5 NGA A . -1.70 -3.99 -0.21
O6 NGA A . -4.02 -4.38 1.35
O7 NGA A . 1.40 -1.51 -3.51
H1 NGA A . 0.09 -3.38 0.67
H2 NGA A . -0.36 -2.87 -2.31
H3 NGA A . -0.44 -0.91 0.03
H4 NGA A . -2.84 -0.78 -0.29
H5 NGA A . -2.14 -2.55 1.25
H61 NGA A . -4.58 -2.47 0.79
H62 NGA A . -4.38 -3.62 -0.55
H81 NGA A . 3.77 -0.92 -1.55
H82 NGA A . 3.94 -1.18 -3.29
H83 NGA A . 4.01 -2.56 -2.18
HN2 NGA A . 1.95 -2.51 -0.58
HO4 NGA A . -2.72 -1.21 -2.58
HO6 NGA A . -3.38 -5.05 1.03
C1 BDP A . -0.42 1.08 -1.49
C2 BDP A . -0.07 1.94 -2.72
C3 BDP A . 0.20 3.39 -2.27
C4 BDP A . -0.94 3.97 -1.42
C5 BDP A . -1.36 3.06 -0.26
C6 BDP A . -2.65 3.66 0.44
O2 BDP A . 1.10 1.37 -3.36
O3 BDP A . 0.37 4.26 -3.43
O4 BDP A . -0.45 5.25 -0.88
O5 BDP A . -1.56 1.67 -0.79
O6A BDP A . -3.75 3.10 0.27
O6B BDP A . -2.52 4.66 1.18
H1 BDP A . 0.43 1.02 -0.82
H2 BDP A . -0.91 1.93 -3.42
H3 BDP A . 1.12 3.41 -1.68
H4 BDP A . -1.82 4.14 -2.06
H5 BDP A . -0.56 3.01 0.48
HO2 BDP A . 0.94 0.41 -3.44
HO3 BDP A . 0.30 5.17 -3.11
C1 NGA A . -1.24 6.42 -1.26
C2 NGA A . -0.88 7.63 -0.37
C3 NGA A . -1.68 8.86 -0.81
C4 NGA A . -1.53 9.14 -2.32
C5 NGA A . -1.85 7.88 -3.16
C6 NGA A . -1.59 8.07 -4.66
C7 NGA A . -0.41 7.81 2.04
C8 NGA A . -0.78 7.28 3.45
N2 NGA A . -1.13 7.31 1.03
O3 NGA A . -1.22 10.07 -0.08
O4 NGA A . -0.19 9.59 -2.56
O5 NGA A . -1.01 6.74 -2.67
O6 NGA A . -1.93 6.85 -5.34
O7 NGA A . 0.46 8.66 1.89
H1 NGA A . -2.30 6.18 -1.12
H2 NGA A . 0.19 7.84 -0.50
H3 NGA A . -2.74 8.68 -0.59
H4 NGA A . -2.22 9.93 -2.60
H5 NGA A . -2.89 7.62 -3.01
H61 NGA A . -2.22 8.89 -5.04
H62 NGA A . -0.55 8.31 -4.85
H81 NGA A . -1.84 7.45 3.64
H82 NGA A . -0.18 7.79 4.21
H83 NGA A . -0.58 6.20 3.50
HN2 NGA A . -1.78 6.56 1.21
HO4 NGA A . -0.02 10.34 -1.97
HO6 NGA A . -1.45 6.14 -4.90
C1 BDP A . -2.29 10.84 0.57
C2 BDP A . -1.64 11.86 1.51
C3 BDP A . -2.71 12.79 2.13
C4 BDP A . -3.60 13.42 1.05
C5 BDP A . -4.21 12.38 0.10
C6 BDP A . -5.12 13.05 -1.00
O2 BDP A . -0.93 11.14 2.55
O3 BDP A . -2.08 13.87 2.89
O4 BDP A . -4.67 14.15 1.72
O5 BDP A . -3.10 11.54 -0.44
O6A BDP A . -5.09 12.61 -2.17
O6B BDP A . -5.89 13.99 -0.66
H1 BDP A . -2.93 10.16 1.14
H2 BDP A . -0.92 12.47 0.94
H3 BDP A . -3.33 12.21 2.81
H4 BDP A . -3.01 14.13 0.46
H5 BDP A . -4.85 11.72 0.68
HO2 BDP A . -0.40 10.45 2.10
HO3 BDP A . -2.79 14.47 3.16
HO4 BDP A . -5.32 14.37 1.01
C1 NGA A . 4.90 -12.21 1.58
C2 NGA A . 3.47 -11.68 1.31
C3 NGA A . 3.34 -10.21 1.76
C4 NGA A . 3.82 -10.00 3.20
C5 NGA A . 5.24 -10.57 3.41
C6 NGA A . 5.73 -10.47 4.86
C7 NGA A . 1.92 -12.14 -0.54
C8 NGA A . 1.77 -12.25 -2.08
N2 NGA A . 3.13 -11.79 -0.12
O1 NGA A . 5.00 -13.61 1.29
O3 NGA A . 1.93 -9.77 1.66
O4 NGA A . 2.89 -10.65 4.08
O5 NGA A . 5.28 -11.99 2.98
O6 NGA A . 7.06 -11.02 4.94
O7 NGA A . 0.98 -12.35 0.22
H1 NGA A . 5.61 -11.68 0.95
H2 NGA A . 2.77 -12.28 1.89
H3 NGA A . 3.96 -9.60 1.10
H4 NGA A . 3.83 -8.93 3.42
H5 NGA A . 5.93 -10.00 2.78
H61 NGA A . 5.75 -9.42 5.19
H62 NGA A . 5.07 -11.03 5.53
H81 NGA A . 1.97 -11.28 -2.53
H82 NGA A . 0.75 -12.56 -2.33
H83 NGA A . 2.47 -12.99 -2.47
HN2 NGA A . 3.88 -11.61 -0.78
HO1 NGA A . 5.86 -13.93 1.59
HO4 NGA A . 2.00 -10.31 3.88
HO6 NGA A . 7.02 -11.90 4.53
C1 BDP A . 1.71 -8.60 0.81
C2 BDP A . 0.19 -8.45 0.59
C3 BDP A . -0.08 -7.18 -0.25
C4 BDP A . 0.60 -5.93 0.33
C5 BDP A . 2.08 -6.13 0.67
C6 BDP A . 2.64 -4.86 1.41
O2 BDP A . -0.30 -9.62 -0.09
O3 BDP A . -1.51 -6.91 -0.33
O4 BDP A . 0.48 -4.89 -0.72
O5 BDP A . 2.23 -7.40 1.44
O6A BDP A . 2.91 -4.94 2.63
O6B BDP A . 2.80 -3.79 0.77
H1 BDP A . 2.21 -8.77 -0.15
H2 BDP A . -0.30 -8.36 1.56
H3 BDP A . 0.30 -7.34 -1.26
H4 BDP A . 0.08 -5.62 1.23
H5 BDP A . 2.65 -6.24 -0.27
HO2 BDP A . 0.08 -10.40 0.37
HO3 BDP A . -1.61 -6.00 -0.68
C1 NGA A . -0.26 -3.69 -0.29
C2 NGA A . -0.02 -2.54 -1.31
C3 NGA A . -0.84 -1.30 -0.90
C4 NGA A . -2.32 -1.65 -0.68
C5 NGA A . -2.50 -2.84 0.28
C6 NGA A . -3.96 -3.28 0.43
C7 NGA A . 2.03 -1.79 -2.47
C8 NGA A . 3.55 -1.61 -2.35
N2 NGA A . 1.42 -2.23 -1.37
O3 NGA A . -0.75 -0.26 -1.95
O4 NGA A . -2.90 -1.95 -1.97
O5 NGA A . -1.69 -3.99 -0.20
O6 NGA A . -4.01 -4.38 1.36
O7 NGA A . 1.42 -1.51 -3.50
H1 NGA A . 0.11 -3.38 0.68
H2 NGA A . -0.35 -2.87 -2.29
H3 NGA A . -0.43 -0.91 0.04
H4 NGA A . -2.84 -0.77 -0.27
H5 NGA A . -2.12 -2.54 1.26
H61 NGA A . -4.57 -2.46 0.81
H62 NGA A . -4.37 -3.62 -0.53
H81 NGA A . 4.02 -2.57 -2.16
H82 NGA A . 3.78 -0.92 -1.52
H83 NGA A . 3.95 -1.19 -3.27
HN2 NGA A . 1.96 -2.51 -0.56
HO4 NGA A . -2.71 -1.21 -2.56
HO6 NGA A . -3.37 -5.04 1.05
C1 BDP A . -0.42 1.08 -1.47
C2 BDP A . -0.07 1.94 -2.70
C3 BDP A . 0.20 3.40 -2.26
C4 BDP A . -0.94 3.97 -1.41
C5 BDP A . -1.36 3.06 -0.25
C6 BDP A . -2.64 3.67 0.45
O2 BDP A . 1.12 1.37 -3.33
O3 BDP A . 0.39 4.27 -3.42
O4 BDP A . -0.44 5.25 -0.87
O5 BDP A . -1.56 1.67 -0.78
O6A BDP A . -3.75 3.10 0.27
O6B BDP A . -2.51 4.68 1.18
H1 BDP A . 0.44 1.02 -0.81
H2 BDP A . -0.89 1.93 -3.41
H3 BDP A . 1.13 3.42 -1.66
H4 BDP A . -1.80 4.14 -2.05
H5 BDP A . -0.56 3.02 0.48
HO2 BDP A . 0.95 0.42 -3.42
HO3 BDP A . 0.32 5.18 -3.09
C1 NGA A . -1.25 6.42 -1.25
C2 NGA A . -0.88 7.64 -0.37
C3 NGA A . -1.70 8.86 -0.81
C4 NGA A . -1.54 9.14 -2.32
C5 NGA A . -1.84 7.88 -3.16
C6 NGA A . -1.59 8.07 -4.66
C7 NGA A . -0.43 7.82 2.05
C8 NGA A . -0.79 7.29 3.45
N2 NGA A . -1.13 7.32 1.04
O3 NGA A . -1.23 10.07 -0.08
O4 NGA A . -0.19 9.59 -2.56
O5 NGA A . -1.01 6.74 -2.67
O6 NGA A . -1.93 6.84 -5.34
O7 NGA A . 0.45 8.68 1.88
H1 NGA A . -2.30 6.19 -1.11
H2 NGA A . 0.19 7.85 -0.49
H3 NGA A . -2.74 8.68 -0.59
H4 NGA A . -2.23 9.93 -2.61
H5 NGA A . -2.88 7.62 -3.01
H61 NGA A . -2.21 8.88 -5.05
H62 NGA A . -0.54 8.31 -4.85
H81 NGA A . -0.20 7.80 4.21
H82 NGA A . -0.59 6.22 3.50
H83 NGA A . -1.85 7.46 3.64
HN2 NGA A . -1.78 6.56 1.21
HO4 NGA A . -0.02 10.34 -1.98
HO6 NGA A . -1.43 6.14 -4.89
C1 BDP A . -2.30 10.85 0.56
C2 BDP A . -1.65 11.88 1.50
C3 BDP A . -2.73 12.80 2.11
C4 BDP A . -3.62 13.44 1.02
C5 BDP A . -4.22 12.38 0.08
C6 BDP A . -5.13 13.05 -1.02
O2 BDP A . -0.95 11.15 2.54
O3 BDP A . -2.10 13.88 2.87
O4 BDP A . -4.68 14.15 1.69
O5 BDP A . -3.10 11.54 -0.46
O6A BDP A . -5.90 13.99 -0.69
O6B BDP A . -5.09 12.61 -2.20
H1 BDP A . -2.95 10.18 1.13
H2 BDP A . -0.93 12.48 0.93
H3 BDP A . -3.35 12.22 2.79
H4 BDP A . -3.02 14.14 0.44
H5 BDP A . -4.87 11.72 0.66
HO2 BDP A . -0.42 10.46 2.10
HO3 BDP A . -2.81 14.49 3.14
HO4 BDP A . -5.34 14.38 0.98
C1 NGA A . 4.75 -12.29 1.91
C2 NGA A . 3.30 -11.77 1.69
C3 NGA A . 3.28 -10.23 1.69
C4 NGA A . 3.96 -9.65 2.95
C5 NGA A . 5.37 -10.23 3.13
C6 NGA A . 6.06 -9.75 4.42
C7 NGA A . 1.60 -12.94 0.35
C8 NGA A . 1.14 -13.33 -1.06
N2 NGA A . 2.74 -12.26 0.43
O1 NGA A . 4.76 -13.72 2.02
O3 NGA A . 1.88 -9.74 1.61
O4 NGA A . 3.13 -9.97 4.09
O5 NGA A . 5.33 -11.71 3.12
O6 NGA A . 7.37 -10.34 4.48
O7 NGA A . 0.94 -13.25 1.35
H1 NGA A . 5.37 -12.01 1.05
H2 NGA A . 2.69 -12.11 2.53
H3 NGA A . 3.84 -9.89 0.82
H4 NGA A . 4.02 -8.57 2.86
H5 NGA A . 5.98 -9.90 2.29
H61 NGA A . 6.15 -8.67 4.43
H62 NGA A . 5.49 -10.06 5.30
H81 NGA A . 1.89 -13.98 -1.52
H82 NGA A . 1.02 -12.43 -1.67
H83 NGA A . 0.19 -13.86 -1.03
HN2 NGA A . 3.26 -12.05 -0.41
HO1 NGA A . 5.66 -13.98 2.28
HO4 NGA A . 2.25 -9.61 3.94
HO6 NGA A . 7.26 -11.29 4.34
C1 BDP A . 1.69 -8.60 0.70
C2 BDP A . 0.18 -8.40 0.43
C3 BDP A . -0.03 -7.15 -0.44
C4 BDP A . 0.62 -5.90 0.16
C5 BDP A . 2.10 -6.11 0.53
C6 BDP A . 2.64 -4.84 1.29
O2 BDP A . -0.35 -9.56 -0.27
O3 BDP A . -1.45 -6.91 -0.60
O4 BDP A . 0.52 -4.86 -0.88
O5 BDP A . 2.22 -7.38 1.31
O6A BDP A . 2.78 -3.76 0.67
O6B BDP A . 2.95 -4.95 2.50
H1 BDP A . 2.20 -8.80 -0.24
H2 BDP A . -0.35 -8.29 1.38
H3 BDP A . 0.40 -7.33 -1.43
H4 BDP A . 0.08 -5.60 1.06
H5 BDP A . 2.68 -6.22 -0.39
HO2 BDP A . -1.27 -9.34 -0.52
HO3 BDP A . -1.55 -6.00 -0.95
C1 NGA A . -0.25 -3.67 -0.49
C2 NGA A . 0.01 -2.51 -1.47
C3 NGA A . -0.84 -1.29 -1.08
C4 NGA A . -2.32 -1.66 -0.93
C5 NGA A . -2.53 -2.86 0.00
C6 NGA A . -3.98 -3.34 0.09
C7 NGA A . 2.08 -1.71 -2.56
C8 NGA A . 3.60 -1.52 -2.39
N2 NGA A . 1.44 -2.18 -1.49
O3 NGA A . -0.72 -0.23 -2.11
O4 NGA A . -2.85 -1.95 -2.24
O5 NGA A . -1.68 -3.99 -0.45
O6 NGA A . -4.05 -4.44 1.00
O7 NGA A . 1.50 -1.45 -3.61
H1 NGA A . 0.07 -3.36 0.51
H2 NGA A . -0.29 -2.83 -2.47
H3 NGA A . -0.47 -0.91 -0.12
H4 NGA A . -2.86 -0.80 -0.53
H5 NGA A . -2.20 -2.58 1.00
H61 NGA A . -4.63 -2.53 0.45
H62 NGA A . -4.35 -3.65 -0.89
H81 NGA A . 4.03 -1.08 -3.29
H82 NGA A . 4.08 -2.48 -2.19
H83 NGA A . 3.79 -0.84 -1.55
HN2 NGA A . 1.96 -2.48 -0.67
HO4 NGA A . -2.65 -1.19 -2.81
HO6 NGA A . -3.39 -5.09 0.71
C1 BDP A . -0.41 1.10 -1.59
C2 BDP A . -0.02 2.00 -2.79
C3 BDP A . 0.23 3.44 -2.29
C4 BDP A . -0.94 3.99 -1.46
C5 BDP A . -1.40 3.05 -0.35
C6 BDP A . -2.69 3.63 0.34
O2 BDP A . 1.17 1.45 -3.40
O3 BDP A . 0.44 4.34 -3.42
O4 BDP A . -0.44 5.25 -0.87
O5 BDP A . -1.57 1.67 -0.92
O6A BDP A . -2.60 4.63 1.08
O6B BDP A . -3.80 3.06 0.11
H1 BDP A . 0.43 1.03 -0.89
H2 BDP A . -0.83 1.99 -3.52
H3 BDP A . 1.14 3.44 -1.68
H4 BDP A . -1.78 4.18 -2.13
H5 BDP A . -0.62 2.99 0.41
HO2 BDP A . 1.01 0.49 -3.52
HO3 BDP A . 0.37 5.24 -3.08
C1 NGA A . -1.23 6.44 -1.24
C2 NGA A . -0.88 7.62 -0.30
C3 NGA A . -1.68 8.88 -0.74
C4 NGA A . -1.47 9.18 -2.22
C5 NGA A . -1.75 7.96 -3.12
C6 NGA A . -1.45 8.19 -4.60
C7 NGA A . -0.51 7.72 2.13
C8 NGA A . -0.93 7.15 3.50
N2 NGA A . -1.19 7.26 1.08
O3 NGA A . -1.23 10.05 0.05
O4 NGA A . -0.10 9.63 -2.41
O5 NGA A . -0.95 6.80 -2.63
O6 NGA A . -1.77 6.99 -5.33
O7 NGA A . 0.37 8.57 2.03
H1 NGA A . -2.29 6.21 -1.14
H2 NGA A . 0.19 7.83 -0.39
H3 NGA A . -2.74 8.68 -0.56
H4 NGA A . -2.14 9.99 -2.52
H5 NGA A . -2.81 7.70 -3.02
H61 NGA A . -2.04 9.02 -4.98
H62 NGA A . -0.39 8.43 -4.75
H81 NGA A . -2.00 7.33 3.66
H82 NGA A . -0.36 7.63 4.30
H83 NGA A . -0.74 6.07 3.52
HN2 NGA A . -1.86 6.51 1.21
HO4 NGA A . 0.05 10.36 -1.79
HO6 NGA A . -1.30 6.27 -4.89
C1 BDP A . -2.31 10.81 0.68
C2 BDP A . -1.68 11.80 1.68
C3 BDP A . -2.77 12.72 2.28
C4 BDP A . -3.62 13.39 1.19
C5 BDP A . -4.20 12.38 0.18
C6 BDP A . -5.06 13.09 -0.93
O2 BDP A . -1.02 11.04 2.72
O3 BDP A . -2.17 13.76 3.10
O4 BDP A . -4.71 14.10 1.83
O5 BDP A . -3.07 11.55 -0.34
O6A BDP A . -5.83 14.03 -0.59
O6B BDP A . -4.99 12.70 -2.12
H1 BDP A . -2.98 10.13 1.20
H2 BDP A . -0.95 12.41 1.15
H3 BDP A . -3.43 12.12 2.92
H4 BDP A . -3.00 14.11 0.64
H5 BDP A . -4.87 11.72 0.72
HO2 BDP A . -0.49 10.36 2.27
HO3 BDP A . -2.88 14.37 3.36
HO4 BDP A . -5.33 14.35 1.12
C1 NGA A . 4.66 -12.40 1.84
C2 NGA A . 3.22 -11.83 1.67
C3 NGA A . 3.26 -10.30 1.63
C4 NGA A . 4.00 -9.72 2.84
C5 NGA A . 5.40 -10.33 2.98
C6 NGA A . 6.16 -9.84 4.23
C7 NGA A . 1.42 -12.98 0.43
C8 NGA A . 0.90 -13.40 -0.95
N2 NGA A . 2.59 -12.35 0.45
O1 NGA A . 4.63 -13.83 1.99
O3 NGA A . 1.87 -9.77 1.59
O4 NGA A . 3.22 -9.98 4.03
O5 NGA A . 5.31 -11.81 3.01
O6 NGA A . 7.45 -10.48 4.25
O7 NGA A . 0.81 -13.24 1.47
H1 NGA A . 5.26 -12.16 0.95
H2 NGA A . 2.64 -12.14 2.54
H3 NGA A . 3.78 -10.00 0.71
H4 NGA A . 4.09 -8.64 2.72
H5 NGA A . 5.98 -10.05 2.10
H61 NGA A . 6.27 -8.76 4.21
H62 NGA A . 5.61 -10.11 5.13
H81 NGA A . 0.79 -12.52 -1.58
H82 NGA A . -0.07 -13.89 -0.85
H83 NGA A . 1.61 -14.09 -1.42
HN2 NGA A . 3.08 -12.18 -0.43
HO1 NGA A . 5.53 -14.12 2.23
HO4 NGA A . 2.34 -9.58 3.90
HO6 NGA A . 7.30 -11.43 4.14
C1 BDP A . 1.67 -8.63 0.69
C2 BDP A . 0.17 -8.39 0.45
C3 BDP A . -0.03 -7.14 -0.41
C4 BDP A . 0.65 -5.90 0.18
C5 BDP A . 2.13 -6.13 0.54
C6 BDP A . 2.70 -4.88 1.30
O2 BDP A . -0.40 -9.53 -0.26
O3 BDP A . -1.45 -6.86 -0.55
O4 BDP A . 0.55 -4.85 -0.85
O5 BDP A . 2.24 -7.41 1.30
O6A BDP A . 3.06 -5.01 2.51
O6B BDP A . 2.82 -3.78 0.71
H1 BDP A . 2.17 -8.82 -0.26
H2 BDP A . -0.35 -8.28 1.41
H3 BDP A . 0.39 -7.32 -1.40
H4 BDP A . 0.11 -5.59 1.09
H5 BDP A . 2.70 -6.24 -0.39
HO2 BDP A . -1.30 -9.30 -0.49
HO3 BDP A . -1.54 -5.96 -0.90
C1 NGA A . -0.20 -3.66 -0.44
C2 NGA A . 0.06 -2.50 -1.43
C3 NGA A . -0.77 -1.26 -1.03
C4 NGA A . -2.26 -1.62 -0.88
C5 NGA A . -2.48 -2.83 0.05
C6 NGA A . -3.94 -3.29 0.14
C7 NGA A . 2.14 -1.70 -2.50
C8 NGA A . 3.67 -1.52 -2.32
N2 NGA A . 1.50 -2.18 -1.44
O3 NGA A . -0.65 -0.20 -2.06
O4 NGA A . -2.79 -1.91 -2.20
O5 NGA A . -1.64 -3.96 -0.41
O6 NGA A . -4.01 -4.40 1.05
O7 NGA A . 1.57 -1.42 -3.55
H1 NGA A . 0.12 -3.35 0.56
H2 NGA A . -0.22 -2.82 -2.43
H3 NGA A . -0.40 -0.89 -0.08
H4 NGA A . -2.80 -0.76 -0.48
H5 NGA A . -2.15 -2.55 1.05
H61 NGA A . -4.57 -2.48 0.51
H62 NGA A . -4.31 -3.60 -0.84
H81 NGA A . 3.86 -0.86 -1.48
H82 NGA A . 4.09 -1.09 -3.23
H83 NGA A . 4.13 -2.49 -2.14
HN2 NGA A . 2.02 -2.48 -0.62
HO4 NGA A . -2.58 -1.15 -2.76
HO6 NGA A . -3.35 -5.05 0.75
C1 BDP A . -0.35 1.13 -1.54
C2 BDP A . 0.05 2.02 -2.73
C3 BDP A . 0.29 3.47 -2.25
C4 BDP A . -0.90 4.01 -1.44
C5 BDP A . -1.37 3.07 -0.32
C6 BDP A . -2.67 3.65 0.34
O2 BDP A . 1.25 1.47 -3.33
O3 BDP A . 0.51 4.36 -3.37
O4 BDP A . -0.42 5.28 -0.85
O5 BDP A . -1.53 1.70 -0.89
O6A BDP A . -3.78 3.09 0.11
O6B BDP A . -2.59 4.65 1.10
H1 BDP A . 0.48 1.06 -0.83
H2 BDP A . -0.76 2.01 -3.47
H3 BDP A . 1.18 3.47 -1.61
H4 BDP A . -1.73 4.19 -2.10
H5 BDP A . -0.60 3.02 0.46
HO2 BDP A . 1.10 0.52 -3.44
HO3 BDP A . 0.42 5.27 -3.03
C1 NGA A . -1.21 6.46 -1.23
C2 NGA A . -0.88 7.65 -0.30
C3 NGA A . -1.68 8.89 -0.75
C4 NGA A . -1.47 9.20 -2.24
C5 NGA A . -1.71 7.97 -3.12
C6 NGA A . -1.40 8.20 -4.60
C7 NGA A . -0.55 7.77 2.14
C8 NGA A . -0.98 7.21 3.51
N2 NGA A . -1.20 7.30 1.09
O3 NGA A . -1.27 10.08 0.03
O4 NGA A . -0.11 9.66 -2.40
O5 NGA A . -0.90 6.82 -2.62
O6 NGA A . -1.69 6.98 -5.33
O7 NGA A . 0.33 8.63 2.05
H1 NGA A . -2.27 6.21 -1.15
H2 NGA A . 0.18 7.87 -0.36
H3 NGA A . -2.75 8.70 -0.58
H4 NGA A . -2.14 10.01 -2.53
H5 NGA A . -2.77 7.70 -3.03
H61 NGA A . -2.00 9.01 -4.99
H62 NGA A . -0.34 8.45 -4.73
H81 NGA A . -0.43 7.69 4.31
H82 NGA A . -0.78 6.14 3.55
H83 NGA A . -2.05 7.37 3.66
HN2 NGA A . -1.86 6.54 1.21
HO4 NGA A . 0.04 10.39 -1.78
HO6 NGA A . -1.22 6.27 -4.88
C1 BDP A . -2.37 10.83 0.65
C2 BDP A . -1.77 11.84 1.65
C3 BDP A . -2.88 12.73 2.24
C4 BDP A . -3.72 13.40 1.13
C5 BDP A . -4.26 12.37 0.12
C6 BDP A . -5.13 13.06 -1.00
O2 BDP A . -1.12 11.08 2.70
O3 BDP A . -2.29 13.80 3.05
O4 BDP A . -4.83 14.09 1.75
O5 BDP A . -3.12 11.55 -0.38
O6A BDP A . -5.03 12.66 -2.19
O6B BDP A . -5.92 13.99 -0.68
H1 BDP A . -3.03 10.14 1.17
H2 BDP A . -1.03 12.45 1.14
H3 BDP A . -3.53 12.13 2.87
H4 BDP A . -3.11 14.12 0.59
H5 BDP A . -4.94 11.70 0.65
HO2 BDP A . -0.55 10.41 2.27
HO3 BDP A . -3.01 14.39 3.31
HO4 BDP A . -5.44 14.32 1.03
C1 NGA A . 4.88 -12.25 1.52
C2 NGA A . 3.45 -11.71 1.27
C3 NGA A . 3.34 -10.24 1.72
C4 NGA A . 3.83 -10.04 3.16
C5 NGA A . 5.24 -10.62 3.36
C6 NGA A . 5.74 -10.53 4.81
C7 NGA A . 1.89 -12.15 -0.58
C8 NGA A . 1.72 -12.25 -2.10
N2 NGA A . 3.10 -11.82 -0.15
O1 NGA A . 4.96 -13.65 1.22
O3 NGA A . 1.92 -9.80 1.65
O4 NGA A . 2.89 -10.70 4.06
O5 NGA A . 5.27 -12.04 2.91
O6 NGA A . 7.07 -11.10 4.88
O7 NGA A . 0.95 -12.36 0.20
H1 NGA A . 5.59 -11.72 0.88
H2 NGA A . 2.75 -12.31 1.85
H3 NGA A . 3.95 -9.62 1.06
H4 NGA A . 3.84 -8.99 3.40
H5 NGA A . 5.93 -10.06 2.73
H61 NGA A . 5.77 -9.50 5.15
H62 NGA A . 5.09 -11.10 5.48
H81 NGA A . 2.41 -12.98 -2.51
H82 NGA A . 1.91 -11.27 -2.56
H83 NGA A . 0.69 -12.54 -2.35
HN2 NGA A . 3.83 -11.63 -0.82
HO1 NGA A . 5.82 -13.97 1.52
HO4 NGA A . 2.01 -10.35 3.86
HO6 NGA A . 7.02 -11.97 4.45
C1 BDP A . 1.70 -8.63 0.80
C2 BDP A . 0.19 -8.44 0.60
C3 BDP A . -0.08 -7.17 -0.23
C4 BDP A . 0.62 -5.93 0.35
C5 BDP A . 2.10 -6.15 0.67
C6 BDP A . 2.66 -4.88 1.42
O2 BDP A . -0.32 -9.62 -0.09
O3 BDP A . -1.51 -6.90 -0.30
O4 BDP A . 0.48 -4.88 -0.69
O5 BDP A . 2.25 -7.42 1.43
O6A BDP A . 2.96 -4.98 2.64
O6B BDP A . 2.83 -3.81 0.79
H1 BDP A . 2.19 -8.78 -0.17
H2 BDP A . -0.30 -8.36 1.57
H3 BDP A . 0.29 -7.34 -1.25
H4 BDP A . 0.10 -5.63 1.26
H5 BDP A . 2.66 -6.25 -0.26
HO2 BDP A . 0.05 -10.40 0.36
HO3 BDP A . -1.61 -5.99 -0.64
C1 NGA A . -0.24 -3.68 -0.26
C2 NGA A . 0.00 -2.53 -1.27
C3 NGA A . -0.81 -1.29 -0.86
C4 NGA A . -2.29 -1.63 -0.63
C5 NGA A . -2.47 -2.82 0.32
C6 NGA A . -3.94 -3.26 0.48
C7 NGA A . 2.05 -1.78 -2.43
C8 NGA A . 3.58 -1.61 -2.32
N2 NGA A . 1.44 -2.22 -1.34
O3 NGA A . -0.72 -0.25 -1.92
O4 NGA A . -2.88 -1.94 -1.92
O5 NGA A . -1.67 -3.97 -0.16
O6 NGA A . -3.98 -4.35 1.42
O7 NGA A . 1.44 -1.51 -3.46
H1 NGA A . 0.13 -3.39 0.71
H2 NGA A . -0.33 -2.86 -2.26
H3 NGA A . -0.39 -0.90 0.07
H4 NGA A . -2.79 -0.75 -0.22
H5 NGA A . -2.09 -2.53 1.30
H61 NGA A . -4.53 -2.43 0.86
H62 NGA A . -4.35 -3.59 -0.47
H81 NGA A . 3.97 -1.19 -3.25
H82 NGA A . 4.04 -2.58 -2.14
H83 NGA A . 3.81 -0.94 -1.50
HN2 NGA A . 1.98 -2.51 -0.54
HO4 NGA A . -2.69 -1.18 -2.52
HO6 NGA A . -3.35 -5.02 1.10
C1 BDP A . -0.39 1.10 -1.44
C2 BDP A . -0.04 1.96 -2.66
C3 BDP A . 0.22 3.40 -2.23
C4 BDP A . -0.93 3.98 -1.38
C5 BDP A . -1.35 3.07 -0.22
C6 BDP A . -2.63 3.67 0.47
O2 BDP A . 1.15 1.39 -3.29
O3 BDP A . 0.41 4.27 -3.38
O4 BDP A . -0.44 5.27 -0.86
O5 BDP A . -1.54 1.68 -0.74
O6A BDP A . -3.74 3.11 0.28
O6B BDP A . -2.53 4.69 1.20
H1 BDP A . 0.46 1.04 -0.76
H2 BDP A . -0.86 1.93 -3.37
H3 BDP A . 1.14 3.43 -1.62
H4 BDP A . -1.79 4.14 -2.04
H5 BDP A . -0.55 3.04 0.52
HO2 BDP A . 0.98 0.42 -3.38
HO3 BDP A . 0.33 5.19 -3.07
C1 NGA A . -1.24 6.43 -1.25
C2 NGA A . -0.89 7.65 -0.36
C3 NGA A . -1.70 8.88 -0.82
C4 NGA A . -1.55 9.14 -2.32
C5 NGA A . -1.83 7.87 -3.15
C6 NGA A . -1.57 8.06 -4.66
C7 NGA A . -0.46 7.85 2.07
C8 NGA A . -0.83 7.33 3.46
N2 NGA A . -1.15 7.33 1.04
O3 NGA A . -1.25 10.09 -0.09
O4 NGA A . -0.20 9.59 -2.56
O5 NGA A . -1.01 6.75 -2.65
O6 NGA A . -1.90 6.83 -5.33
O7 NGA A . 0.42 8.70 1.90
H1 NGA A . -2.29 6.19 -1.11
H2 NGA A . 0.18 7.87 -0.48
H3 NGA A . -2.76 8.68 -0.61
H4 NGA A . -2.23 9.93 -2.62
H5 NGA A . -2.88 7.61 -3.03
H61 NGA A . -2.20 8.86 -5.05
H62 NGA A . -0.53 8.30 -4.85
H81 NGA A . -0.62 6.25 3.52
H82 NGA A . -1.89 7.50 3.64
H83 NGA A . -0.24 7.84 4.22
HN2 NGA A . -1.79 6.58 1.22
HO4 NGA A . -0.03 10.34 -1.98
HO6 NGA A . -1.41 6.12 -4.87
C1 BDP A . -2.33 10.86 0.53
C2 BDP A . -1.69 11.91 1.47
C3 BDP A . -2.77 12.83 2.08
C4 BDP A . -3.65 13.45 0.98
C5 BDP A . -4.23 12.39 0.02
C6 BDP A . -5.14 13.06 -1.08
O2 BDP A . -1.00 11.18 2.53
O3 BDP A . -2.15 13.91 2.83
O4 BDP A . -4.73 14.17 1.62
O5 BDP A . -3.12 11.55 -0.49
O6A BDP A . -5.92 14.00 -0.76
O6B BDP A . -5.10 12.60 -2.25
H1 BDP A . -2.97 10.19 1.10
H2 BDP A . -0.97 12.50 0.92
H3 BDP A . -3.39 12.24 2.75
H4 BDP A . -3.06 14.16 0.40
H5 BDP A . -4.89 11.74 0.61
HO2 BDP A . -0.45 10.49 2.09
HO3 BDP A . -2.86 14.52 3.10
HO4 BDP A . -5.37 14.38 0.92
C1 NGA A . 4.91 -12.21 1.57
C2 NGA A . 3.47 -11.68 1.30
C3 NGA A . 3.34 -10.22 1.75
C4 NGA A . 3.81 -10.02 3.21
C5 NGA A . 5.23 -10.58 3.42
C6 NGA A . 5.70 -10.49 4.87
C7 NGA A . 1.93 -12.14 -0.57
C8 NGA A . 1.78 -12.23 -2.10
N2 NGA A . 3.14 -11.79 -0.13
O1 NGA A . 5.00 -13.61 1.26
O3 NGA A . 1.92 -9.78 1.66
O4 NGA A . 2.87 -10.68 4.09
O5 NGA A . 5.28 -12.00 2.98
O6 NGA A . 7.04 -11.05 4.95
O7 NGA A . 0.99 -12.34 0.19
H1 NGA A . 5.62 -11.67 0.94
H2 NGA A . 2.78 -12.29 1.87
H3 NGA A . 3.96 -9.60 1.11
H4 NGA A . 3.82 -8.96 3.43
H5 NGA A . 5.92 -10.01 2.80
H61 NGA A . 5.73 -9.45 5.20
H62 NGA A . 5.05 -11.06 5.53
H81 NGA A . 0.77 -12.54 -2.35
H82 NGA A . 2.50 -12.96 -2.49
H83 NGA A . 1.98 -11.25 -2.55
HN2 NGA A . 3.88 -11.59 -0.78
HO1 NGA A . 5.86 -13.93 1.58
HO4 NGA A . 1.99 -10.34 3.88
HO6 NGA A . 7.00 -11.92 4.53
C1 BDP A . 1.71 -8.62 0.80
C2 BDP A . 0.19 -8.45 0.59
C3 BDP A . -0.08 -7.18 -0.25
C4 BDP A . 0.60 -5.93 0.33
C5 BDP A . 2.09 -6.13 0.67
C6 BDP A . 2.64 -4.86 1.41
O2 BDP A . -0.29 -9.63 -0.11
O3 BDP A . -1.51 -6.91 -0.33
O4 BDP A . 0.48 -4.89 -0.72
O5 BDP A . 2.23 -7.40 1.44
O6A BDP A . 2.81 -3.79 0.76
O6B BDP A . 2.91 -4.95 2.64
H1 BDP A . 2.21 -8.77 -0.15
H2 BDP A . -0.31 -8.37 1.55
H3 BDP A . 0.30 -7.34 -1.26
H4 BDP A . 0.08 -5.63 1.24
H5 BDP A . 2.65 -6.25 -0.26
HO2 BDP A . 0.08 -10.40 0.36
HO3 BDP A . -1.61 -6.00 -0.67
C1 NGA A . -0.26 -3.69 -0.28
C2 NGA A . -0.01 -2.53 -1.30
C3 NGA A . -0.83 -1.30 -0.88
C4 NGA A . -2.31 -1.64 -0.66
C5 NGA A . -2.50 -2.83 0.29
C6 NGA A . -3.96 -3.28 0.45
C7 NGA A . 2.03 -1.79 -2.46
C8 NGA A . 3.55 -1.61 -2.35
N2 NGA A . 1.42 -2.23 -1.37
O3 NGA A . -0.75 -0.26 -1.94
O4 NGA A . -2.89 -1.95 -1.95
O5 NGA A . -1.69 -3.98 -0.19
O6 NGA A . -4.00 -4.37 1.38
O7 NGA A . 1.42 -1.51 -3.50
H1 NGA A . 0.11 -3.38 0.70
H2 NGA A . -0.35 -2.87 -2.28
H3 NGA A . -0.42 -0.91 0.05
H4 NGA A . -2.82 -0.77 -0.26
H5 NGA A . -2.12 -2.53 1.27
H61 NGA A . -4.57 -2.46 0.83
H62 NGA A . -4.37 -3.61 -0.51
H81 NGA A . 4.02 -2.57 -2.16
H82 NGA A . 3.79 -0.93 -1.53
H83 NGA A . 3.95 -1.19 -3.27
HN2 NGA A . 1.96 -2.51 -0.56
HO4 NGA A . -2.71 -1.20 -2.55
HO6 NGA A . -3.37 -5.04 1.07
C1 BDP A . -0.41 1.08 -1.47
C2 BDP A . -0.07 1.94 -2.69
C3 BDP A . 0.21 3.40 -2.25
C4 BDP A . -0.94 3.97 -1.40
C5 BDP A . -1.36 3.06 -0.24
C6 BDP A . -2.63 3.66 0.46
O2 BDP A . 1.12 1.37 -3.33
O3 BDP A . 0.39 4.27 -3.41
O4 BDP A . -0.44 5.26 -0.87
O5 BDP A . -1.55 1.68 -0.77
O6A BDP A . -3.74 3.10 0.29
O6B BDP A . -2.51 4.68 1.19
H1 BDP A . 0.45 1.02 -0.80
H2 BDP A . -0.90 1.92 -3.40
H3 BDP A . 1.13 3.42 -1.66
H4 BDP A . -1.80 4.14 -2.04
H5 BDP A . -0.55 3.03 0.49
HO2 BDP A . 0.96 0.42 -3.41
HO3 BDP A . 0.31 5.18 -3.09
C1 NGA A . -1.25 6.42 -1.25
C2 NGA A . -0.88 7.64 -0.37
C3 NGA A . -1.70 8.86 -0.81
C4 NGA A . -1.55 9.13 -2.32
C5 NGA A . -1.85 7.87 -3.16
C6 NGA A . -1.60 8.06 -4.65
C7 NGA A . -0.42 7.83 2.05
C8 NGA A . -0.78 7.31 3.45
N2 NGA A . -1.13 7.32 1.04
O3 NGA A . -1.24 10.08 -0.08
O4 NGA A . -0.20 9.59 -2.57
O5 NGA A . -1.02 6.75 -2.67
O6 NGA A . -1.93 6.83 -5.33
O7 NGA A . 0.45 8.68 1.88
H1 NGA A . -2.30 6.19 -1.11
H2 NGA A . 0.18 7.86 -0.50
H3 NGA A . -2.74 8.68 -0.59
H4 NGA A . -2.24 9.93 -2.61
H5 NGA A . -2.90 7.61 -3.01
H61 NGA A . -2.23 8.87 -5.05
H62 NGA A . -0.56 8.30 -4.85
H81 NGA A . -0.20 7.82 4.20
H82 NGA A . -0.58 6.23 3.50
H83 NGA A . -1.85 7.47 3.65
HN2 NGA A . -1.78 6.57 1.22
HO4 NGA A . -0.03 10.34 -1.99
HO6 NGA A . -1.44 6.13 -4.89
C1 BDP A . -2.31 10.86 0.55
C2 BDP A . -1.65 11.88 1.49
C3 BDP A . -2.73 12.81 2.10
C4 BDP A . -3.62 13.43 1.01
C5 BDP A . -4.22 12.38 0.07
C6 BDP A . -5.14 13.05 -1.03
O2 BDP A . -0.95 11.16 2.54
O3 BDP A . -2.10 13.89 2.86
O4 BDP A . -4.69 14.16 1.68
O5 BDP A . -3.11 11.55 -0.46
O6A BDP A . -5.10 12.61 -2.21
O6B BDP A . -5.90 13.99 -0.70
H1 BDP A . -2.95 10.18 1.12
H2 BDP A . -0.94 12.49 0.92
H3 BDP A . -3.35 12.23 2.79
H4 BDP A . -3.03 14.15 0.42
H5 BDP A . -4.86 11.73 0.65
HO2 BDP A . -0.42 10.46 2.09
HO3 BDP A . -2.81 14.49 3.13
HO4 BDP A . -5.34 14.37 0.97
C1 NGA A . 4.67 -12.39 1.85
C2 NGA A . 3.24 -11.83 1.68
C3 NGA A . 3.26 -10.29 1.63
C4 NGA A . 4.00 -9.70 2.85
C5 NGA A . 5.41 -10.31 3.00
C6 NGA A . 6.15 -9.82 4.25
C7 NGA A . 1.46 -12.99 0.42
C8 NGA A . 0.95 -13.41 -0.97
N2 NGA A . 2.63 -12.34 0.44
O1 NGA A . 4.67 -13.82 2.00
O3 NGA A . 1.88 -9.77 1.58
O4 NGA A . 3.21 -9.98 4.03
O5 NGA A . 5.32 -11.79 3.02
O6 NGA A . 7.45 -10.45 4.28
O7 NGA A . 0.83 -13.25 1.45
H1 NGA A . 5.28 -12.14 0.97
H2 NGA A . 2.66 -12.14 2.54
H3 NGA A . 3.79 -9.99 0.73
H4 NGA A . 4.09 -8.63 2.73
H5 NGA A . 5.99 -10.03 2.13
H61 NGA A . 6.26 -8.74 4.22
H62 NGA A . 5.60 -10.10 5.15
H81 NGA A . 0.83 -12.52 -1.59
H82 NGA A . -0.02 -13.90 -0.88
H83 NGA A . 1.66 -14.09 -1.44
HN2 NGA A . 3.11 -12.16 -0.42
HO1 NGA A . 5.56 -14.10 2.24
HO4 NGA A . 2.33 -9.58 3.89
HO6 NGA A . 7.31 -11.40 4.16
C1 BDP A . 1.69 -8.62 0.69
C2 BDP A . 0.18 -8.40 0.44
C3 BDP A . -0.02 -7.15 -0.42
C4 BDP A . 0.65 -5.90 0.18
C5 BDP A . 2.12 -6.13 0.54
C6 BDP A . 2.69 -4.88 1.31
O2 BDP A . -0.38 -9.55 -0.28
O3 BDP A . -1.46 -6.88 -0.56
O4 BDP A . 0.55 -4.85 -0.86
O5 BDP A . 2.24 -7.41 1.30
O6A BDP A . 2.82 -3.78 0.71
O6B BDP A . 3.03 -5.00 2.51
H1 BDP A . 2.19 -8.82 -0.26
H2 BDP A . -0.34 -8.29 1.39
H3 BDP A . 0.40 -7.32 -1.41
H4 BDP A . 0.11 -5.60 1.09
H5 BDP A . 2.69 -6.24 -0.39
HO2 BDP A . -1.29 -9.31 -0.51
HO3 BDP A . -1.54 -5.97 -0.91
C1 NGA A . -0.21 -3.66 -0.45
C2 NGA A . 0.06 -2.50 -1.44
C3 NGA A . -0.79 -1.27 -1.03
C4 NGA A . -2.28 -1.63 -0.88
C5 NGA A . -2.48 -2.84 0.04
C6 NGA A . -3.95 -3.30 0.14
C7 NGA A . 2.13 -1.70 -2.50
C8 NGA A . 3.66 -1.52 -2.33
N2 NGA A . 1.48 -2.18 -1.45
O3 NGA A . -0.67 -0.22 -2.06
O4 NGA A . -2.80 -1.92 -2.20
O5 NGA A . -1.64 -3.97 -0.42
O6 NGA A . -4.02 -4.42 1.04
O7 NGA A . 1.56 -1.41 -3.55
H1 NGA A . 0.11 -3.36 0.55
H2 NGA A . -0.24 -2.82 -2.44
H3 NGA A . -0.42 -0.90 -0.07
H4 NGA A . -2.82 -0.77 -0.48
H5 NGA A . -2.16 -2.57 1.05
H61 NGA A . -4.58 -2.50 0.50
H62 NGA A . -4.31 -3.61 -0.84
H81 NGA A . 3.84 -0.85 -1.48
H82 NGA A . 4.09 -1.08 -3.23
H83 NGA A . 4.13 -2.48 -2.14
HN2 NGA A . 2.01 -2.48 -0.62
HO4 NGA A . -2.60 -1.16 -2.76
HO6 NGA A . -3.36 -5.06 0.74
C1 BDP A . -0.36 1.12 -1.55
C2 BDP A . 0.02 2.02 -2.73
C3 BDP A . 0.27 3.45 -2.25
C4 BDP A . -0.91 4.01 -1.43
C5 BDP A . -1.38 3.06 -0.31
C6 BDP A . -2.68 3.64 0.35
O2 BDP A . 1.24 1.47 -3.33
O3 BDP A . 0.49 4.36 -3.37
O4 BDP A . -0.44 5.27 -0.84
O5 BDP A . -1.54 1.69 -0.88
O6A BDP A . -3.78 3.07 0.12
O6B BDP A . -2.61 4.64 1.10
H1 BDP A . 0.47 1.06 -0.83
H2 BDP A . -0.77 2.01 -3.47
H3 BDP A . 1.16 3.47 -1.61
H4 BDP A . -1.75 4.19 -2.10
H5 BDP A . -0.61 3.02 0.46
HO2 BDP A . 1.08 0.51 -3.45
HO3 BDP A . 0.41 5.27 -3.03
C1 NGA A . -1.23 6.46 -1.22
C2 NGA A . -0.90 7.64 -0.29
C3 NGA A . -1.69 8.88 -0.73
C4 NGA A . -1.47 9.20 -2.22
C5 NGA A . -1.73 7.96 -3.11
C6 NGA A . -1.41 8.19 -4.59
C7 NGA A . -0.56 7.76 2.16
C8 NGA A . -1.00 7.20 3.52
N2 NGA A . -1.22 7.28 1.10
O3 NGA A . -1.27 10.07 0.05
O4 NGA A . -0.12 9.65 -2.40
O5 NGA A . -0.92 6.82 -2.62
O6 NGA A . -1.71 6.98 -5.32
O7 NGA A . 0.31 8.62 2.05
H1 NGA A . -2.28 6.21 -1.14
H2 NGA A . 0.17 7.85 -0.36
H3 NGA A . -2.76 8.70 -0.57
H4 NGA A . -2.14 10.00 -2.53
H5 NGA A . -2.79 7.70 -3.03
H61 NGA A . -2.02 9.01 -4.99
H62 NGA A . -0.36 8.44 -4.73
H81 NGA A . -0.44 7.69 4.32
H82 NGA A . -0.80 6.12 3.56
H83 NGA A . -2.07 7.37 3.66
HN2 NGA A . -1.88 6.52 1.22
HO4 NGA A . 0.03 10.38 -1.78
HO6 NGA A . -1.24 6.26 -4.87
C1 BDP A . -2.36 10.84 0.64
C2 BDP A . -1.76 11.84 1.65
C3 BDP A . -2.86 12.75 2.24
C4 BDP A . -3.69 13.42 1.12
C5 BDP A . -4.24 12.40 0.11
C6 BDP A . -5.09 13.10 -1.02
O2 BDP A . -1.10 11.08 2.71
O3 BDP A . -2.26 13.81 3.05
O4 BDP A . -4.79 14.13 1.74
O5 BDP A . -3.11 11.56 -0.39
O6A BDP A . -4.99 12.70 -2.21
O6B BDP A . -5.86 14.04 -0.70
H1 BDP A . -3.03 10.15 1.17
H2 BDP A . -1.01 12.45 1.14
H3 BDP A . -3.52 12.15 2.87
H4 BDP A . -3.06 14.13 0.58
H5 BDP A . -4.93 11.73 0.64
HO2 BDP A . -0.56 10.39 2.27
HO3 BDP A . -2.98 14.41 3.30
HO4 BDP A . -5.39 14.37 1.02
C1 NGA A . 4.89 -12.22 1.57
C2 NGA A . 3.47 -11.69 1.30
C3 NGA A . 3.34 -10.22 1.75
C4 NGA A . 3.83 -10.01 3.19
C5 NGA A . 5.25 -10.58 3.39
C6 NGA A . 5.74 -10.47 4.84
C7 NGA A . 1.91 -12.15 -0.55
C8 NGA A . 1.74 -12.26 -2.08
N2 NGA A . 3.12 -11.81 -0.12
O1 NGA A . 4.98 -13.63 1.28
O3 NGA A . 1.92 -9.78 1.66
O4 NGA A . 2.90 -10.66 4.08
O5 NGA A . 5.28 -12.00 2.96
O6 NGA A . 7.08 -11.04 4.91
O7 NGA A . 0.97 -12.35 0.22
H1 NGA A . 5.61 -11.70 0.92
H2 NGA A . 2.77 -12.29 1.90
H3 NGA A . 3.96 -9.60 1.08
H4 NGA A . 3.84 -8.94 3.41
H5 NGA A . 5.93 -10.01 2.75
H61 NGA A . 5.77 -9.43 5.16
H62 NGA A . 5.09 -11.02 5.51
H81 NGA A . 2.44 -13.01 -2.47
H82 NGA A . 1.94 -11.30 -2.53
H83 NGA A . 0.73 -12.58 -2.31
HN2 NGA A . 3.85 -11.62 -0.79
HO1 NGA A . 5.85 -13.95 1.58
HO4 NGA A . 2.01 -10.31 3.89
HO6 NGA A . 7.02 -11.91 4.50
C1 BDP A . 1.70 -8.61 0.80
C2 BDP A . 0.20 -8.44 0.60
C3 BDP A . -0.08 -7.18 -0.24
C4 BDP A . 0.60 -5.93 0.33
C5 BDP A . 2.09 -6.13 0.67
C6 BDP A . 2.65 -4.86 1.41
O2 BDP A . -0.30 -9.63 -0.09
O3 BDP A . -1.51 -6.90 -0.32
O4 BDP A . 0.48 -4.89 -0.71
O5 BDP A . 2.23 -7.40 1.44
O6A BDP A . 2.81 -3.79 0.76
O6B BDP A . 2.93 -4.95 2.63
H1 BDP A . 2.20 -8.78 -0.16
H2 BDP A . -0.30 -8.36 1.57
H3 BDP A . 0.30 -7.34 -1.26
H4 BDP A . 0.09 -5.62 1.24
H5 BDP A . 2.65 -6.25 -0.26
HO2 BDP A . 0.07 -10.40 0.37
HO3 BDP A . -1.61 -6.00 -0.66
C1 NGA A . -0.26 -3.69 -0.28
C2 NGA A . -0.01 -2.53 -1.30
C3 NGA A . -0.84 -1.30 -0.89
C4 NGA A . -2.31 -1.64 -0.66
C5 NGA A . -2.50 -2.83 0.29
C6 NGA A . -3.96 -3.28 0.45
C7 NGA A . 2.03 -1.79 -2.46
C8 NGA A . 3.55 -1.61 -2.35
N2 NGA A . 1.42 -2.23 -1.37
O3 NGA A . -0.75 -0.26 -1.94
O4 NGA A . -2.89 -1.95 -1.95
O5 NGA A . -1.69 -3.98 -0.18
O6 NGA A . -4.00 -4.37 1.38
O7 NGA A . 1.42 -1.51 -3.50
H1 NGA A . 0.11 -3.37 0.69
H2 NGA A . -0.35 -2.87 -2.28
H3 NGA A . -0.42 -0.91 0.04
H4 NGA A . -2.82 -0.77 -0.26
H5 NGA A . -2.12 -2.53 1.27
H61 NGA A . -4.56 -2.45 0.82
H62 NGA A . -4.37 -3.61 -0.51
H81 NGA A . 3.79 -0.93 -1.53
H82 NGA A . 3.95 -1.19 -3.27
H83 NGA A . 4.03 -2.57 -2.16
HN2 NGA A . 1.96 -2.51 -0.56
HO4 NGA A . -2.71 -1.20 -2.55
HO6 NGA A . -3.37 -5.04 1.07
C1 BDP A . -0.41 1.08 -1.47
C2 BDP A . -0.07 1.94 -2.69
C3 BDP A . 0.21 3.40 -2.25
C4 BDP A . -0.94 3.97 -1.40
C5 BDP A . -1.37 3.06 -0.25
C6 BDP A . -2.64 3.67 0.45
O2 BDP A . 1.12 1.37 -3.32
O3 BDP A . 0.39 4.27 -3.41
O4 BDP A . -0.44 5.25 -0.87
O5 BDP A . -1.55 1.68 -0.77
O6A BDP A . -3.75 3.10 0.27
O6B BDP A . -2.53 4.68 1.18
H1 BDP A . 0.44 1.03 -0.80
H2 BDP A . -0.89 1.93 -3.41
H3 BDP A . 1.12 3.42 -1.66
H4 BDP A . -1.80 4.14 -2.05
H5 BDP A . -0.56 3.03 0.49
HO2 BDP A . 0.96 0.42 -3.41
HO3 BDP A . 0.33 5.19 -3.09
C1 NGA A . -1.25 6.43 -1.25
C2 NGA A . -0.88 7.65 -0.36
C3 NGA A . -1.69 8.87 -0.82
C4 NGA A . -1.53 9.14 -2.32
C5 NGA A . -1.82 7.88 -3.16
C6 NGA A . -1.57 8.07 -4.66
C7 NGA A . -0.44 7.83 2.06
C8 NGA A . -0.82 7.30 3.45
N2 NGA A . -1.14 7.32 1.05
O3 NGA A . -1.24 10.08 -0.08
O4 NGA A . -0.18 9.58 -2.55
O5 NGA A . -1.01 6.76 -2.67
O6 NGA A . -1.90 6.85 -5.34
O7 NGA A . 0.44 8.67 1.90
H1 NGA A . -2.30 6.19 -1.12
H2 NGA A . 0.18 7.85 -0.49
H3 NGA A . -2.75 8.68 -0.60
H4 NGA A . -2.21 9.93 -2.62
H5 NGA A . -2.87 7.62 -3.02
H61 NGA A . -2.19 8.88 -5.05
H62 NGA A . -0.52 8.31 -4.84
H81 NGA A . -0.23 7.81 4.21
H82 NGA A . -0.62 6.22 3.51
H83 NGA A . -1.87 7.47 3.64
HN2 NGA A . -1.79 6.56 1.21
HO4 NGA A . -0.02 10.34 -1.97
HO6 NGA A . -1.41 6.14 -4.89
C1 BDP A . -2.31 10.85 0.55
C2 BDP A . -1.67 11.88 1.50
C3 BDP A . -2.74 12.81 2.11
C4 BDP A . -3.63 13.44 1.01
C5 BDP A . -4.22 12.38 0.07
C6 BDP A . -5.13 13.05 -1.04
O2 BDP A . -0.96 11.15 2.54
O3 BDP A . -2.12 13.89 2.86
O4 BDP A . -4.70 14.15 1.67
O5 BDP A . -3.11 11.54 -0.47
O6A BDP A . -5.08 12.61 -2.22
O6B BDP A . -5.90 14.00 -0.71
H1 BDP A . -2.95 10.18 1.12
H2 BDP A . -0.94 12.48 0.93
H3 BDP A . -3.36 12.22 2.78
H4 BDP A . -3.04 14.14 0.44
H5 BDP A . -4.87 11.73 0.64
HO2 BDP A . -0.43 10.46 2.10
HO3 BDP A . -2.83 14.49 3.14
HO4 BDP A . -5.34 14.37 0.97
C1 NGA A . 4.87 -12.26 1.55
C2 NGA A . 3.44 -11.71 1.29
C3 NGA A . 3.33 -10.24 1.74
C4 NGA A . 3.83 -10.03 3.17
C5 NGA A . 5.23 -10.60 3.38
C6 NGA A . 5.74 -10.50 4.83
C7 NGA A . 1.88 -12.16 -0.56
C8 NGA A . 1.72 -12.27 -2.08
N2 NGA A . 3.09 -11.83 -0.13
O1 NGA A . 4.94 -13.66 1.26
O3 NGA A . 1.92 -9.79 1.66
O4 NGA A . 2.89 -10.67 4.07
O5 NGA A . 5.26 -12.03 2.95
O6 NGA A . 7.06 -11.07 4.89
O7 NGA A . 0.95 -12.36 0.22
H1 NGA A . 5.59 -11.73 0.90
H2 NGA A . 2.74 -12.31 1.88
H3 NGA A . 3.95 -9.63 1.07
H4 NGA A . 3.84 -8.96 3.39
H5 NGA A . 5.92 -10.05 2.74
H61 NGA A . 5.77 -9.46 5.15
H62 NGA A . 5.08 -11.06 5.50
H81 NGA A . 0.69 -12.58 -2.32
H82 NGA A . 2.41 -13.02 -2.48
H83 NGA A . 1.92 -11.30 -2.54
HN2 NGA A . 3.84 -11.66 -0.79
HO1 NGA A . 5.80 -13.98 1.57
HO4 NGA A . 2.01 -10.32 3.87
HO6 NGA A . 7.01 -11.95 4.48
C1 BDP A . 1.71 -8.62 0.79
C2 BDP A . 0.19 -8.45 0.59
C3 BDP A . -0.08 -7.18 -0.24
C4 BDP A . 0.62 -5.93 0.33
C5 BDP A . 2.10 -6.15 0.67
C6 BDP A . 2.66 -4.87 1.41
O2 BDP A . -0.31 -9.62 -0.10
O3 BDP A . -1.51 -6.89 -0.32
O4 BDP A . 0.49 -4.89 -0.70
O5 BDP A . 2.24 -7.41 1.43
O6A BDP A . 2.95 -4.97 2.63
O6B BDP A . 2.84 -3.81 0.77
H1 BDP A . 2.20 -8.78 -0.17
H2 BDP A . -0.30 -8.36 1.56
H3 BDP A . 0.29 -7.34 -1.26
H4 BDP A . 0.10 -5.62 1.24
H5 BDP A . 2.66 -6.26 -0.27
HO2 BDP A . 0.05 -10.40 0.36
HO3 BDP A . -1.60 -5.98 -0.66
C1 NGA A . -0.23 -3.68 -0.28
C2 NGA A . 0.00 -2.53 -1.28
C3 NGA A . -0.81 -1.29 -0.87
C4 NGA A . -2.29 -1.62 -0.65
C5 NGA A . -2.47 -2.82 0.31
C6 NGA A . -3.93 -3.26 0.47
C7 NGA A . 2.05 -1.78 -2.44
C8 NGA A . 3.58 -1.60 -2.34
N2 NGA A . 1.44 -2.23 -1.35
O3 NGA A . -0.72 -0.26 -1.93
O4 NGA A . -2.88 -1.93 -1.93
O5 NGA A . -1.67 -3.98 -0.18
O6 NGA A . -3.98 -4.36 1.40
O7 NGA A . 1.44 -1.50 -3.48
H1 NGA A . 0.13 -3.38 0.70
H2 NGA A . -0.33 -2.86 -2.27
H3 NGA A . -0.39 -0.90 0.06
H4 NGA A . -2.80 -0.76 -0.23
H5 NGA A . -2.09 -2.53 1.29
H61 NGA A . -4.54 -2.44 0.85
H62 NGA A . -4.35 -3.59 -0.49
H81 NGA A . 3.98 -1.19 -3.26
H82 NGA A . 4.04 -2.58 -2.15
H83 NGA A . 3.81 -0.93 -1.51
HN2 NGA A . 1.99 -2.52 -0.55
HO4 NGA A . -2.69 -1.19 -2.53
HO6 NGA A . -3.36 -5.02 1.09
C1 BDP A . -0.39 1.09 -1.45
C2 BDP A . -0.04 1.95 -2.67
C3 BDP A . 0.22 3.41 -2.24
C4 BDP A . -0.92 3.98 -1.40
C5 BDP A . -1.34 3.07 -0.24
C6 BDP A . -2.63 3.67 0.47
O2 BDP A . 1.14 1.38 -3.31
O3 BDP A . 0.41 4.28 -3.39
O4 BDP A . -0.43 5.26 -0.86
O5 BDP A . -1.54 1.68 -0.76
O6A BDP A . -3.73 3.11 0.28
O6B BDP A . -2.51 4.68 1.20
H1 BDP A . 0.47 1.03 -0.77
H2 BDP A . -0.86 1.93 -3.38
H3 BDP A . 1.14 3.43 -1.64
H4 BDP A . -1.79 4.14 -2.04
H5 BDP A . -0.54 3.04 0.51
HO2 BDP A . 0.98 0.43 -3.39
HO3 BDP A . 0.33 5.19 -3.08
C1 NGA A . -1.24 6.43 -1.25
C2 NGA A . -0.88 7.66 -0.37
C3 NGA A . -1.70 8.88 -0.82
C4 NGA A . -1.56 9.14 -2.32
C5 NGA A . -1.84 7.88 -3.16
C6 NGA A . -1.60 8.06 -4.66
C7 NGA A . -0.44 7.85 2.05
C8 NGA A . -0.81 7.32 3.45
N2 NGA A . -1.13 7.34 1.04
O3 NGA A . -1.25 10.09 -0.09
O4 NGA A . -0.20 9.59 -2.57
O5 NGA A . -1.01 6.75 -2.66
O6 NGA A . -1.91 6.83 -5.34
O7 NGA A . 0.43 8.71 1.88
H1 NGA A . -2.30 6.19 -1.11
H2 NGA A . 0.18 7.87 -0.49
H3 NGA A . -2.76 8.69 -0.60
H4 NGA A . -2.24 9.92 -2.62
H5 NGA A . -2.89 7.61 -3.01
H61 NGA A . -2.22 8.87 -5.06
H62 NGA A . -0.54 8.31 -4.85
H81 NGA A . -0.59 6.25 3.51
H82 NGA A . -1.86 7.49 3.65
H83 NGA A . -0.21 7.84 4.21
HN2 NGA A . -1.79 6.58 1.22
HO4 NGA A . -0.04 10.34 -1.97
HO6 NGA A . -1.43 6.13 -4.88
C1 BDP A . -2.32 10.86 0.54
C2 BDP A . -1.68 11.90 1.49
C3 BDP A . -2.76 12.82 2.09
C4 BDP A . -3.65 13.44 1.00
C5 BDP A . -4.24 12.39 0.05
C6 BDP A . -5.15 13.05 -1.05
O2 BDP A . -0.98 11.17 2.53
O3 BDP A . -2.14 13.90 2.84
O4 BDP A . -4.73 14.16 1.65
O5 BDP A . -3.12 11.54 -0.48
O6A BDP A . -5.93 13.99 -0.73
O6B BDP A . -5.12 12.60 -2.23
H1 BDP A . -2.97 10.18 1.12
H2 BDP A . -0.96 12.49 0.92
H3 BDP A . -3.38 12.24 2.77
H4 BDP A . -3.06 14.15 0.41
H5 BDP A . -4.89 11.73 0.64
HO2 BDP A . -0.44 10.49 2.09
HO3 BDP A . -2.85 14.50 3.11
HO4 BDP A . -5.37 14.37 0.95
C1 NGA A . 4.71 -12.36 1.84
C2 NGA A . 3.27 -11.81 1.65
C3 NGA A . 3.28 -10.27 1.65
C4 NGA A . 3.98 -9.70 2.89
C5 NGA A . 5.39 -10.29 3.05
C6 NGA A . 6.10 -9.82 4.32
C7 NGA A . 1.54 -12.97 0.34
C8 NGA A . 1.05 -13.36 -1.07
N2 NGA A . 2.70 -12.31 0.39
O1 NGA A . 4.72 -13.79 1.96
O3 NGA A . 1.88 -9.77 1.59
O4 NGA A . 3.17 -10.01 4.05
O5 NGA A . 5.33 -11.78 3.04
O6 NGA A . 7.42 -10.42 4.37
O7 NGA A . 0.90 -13.26 1.35
H1 NGA A . 5.33 -12.08 0.98
H2 NGA A . 2.68 -12.15 2.50
H3 NGA A . 3.82 -9.94 0.76
H4 NGA A . 4.06 -8.62 2.80
H5 NGA A . 5.99 -9.98 2.19
H61 NGA A . 6.21 -8.74 4.33
H62 NGA A . 5.55 -10.12 5.21
H81 NGA A . 0.94 -12.46 -1.68
H82 NGA A . 0.09 -13.87 -1.00
H83 NGA A . 1.79 -14.02 -1.53
HN2 NGA A . 3.19 -12.09 -0.46
HO1 NGA A . 5.62 -14.07 2.21
HO4 NGA A . 2.29 -9.64 3.91
HO6 NGA A . 7.28 -11.38 4.23
C1 BDP A . 1.69 -8.62 0.69
C2 BDP A . 0.18 -8.41 0.43
C3 BDP A . -0.03 -7.16 -0.42
C4 BDP A . 0.64 -5.91 0.18
C5 BDP A . 2.12 -6.13 0.54
C6 BDP A . 2.68 -4.87 1.31
O2 BDP A . -0.37 -9.55 -0.28
O3 BDP A . -1.45 -6.89 -0.57
O4 BDP A . 0.54 -4.86 -0.85
O5 BDP A . 2.24 -7.41 1.30
O6A BDP A . 3.01 -5.00 2.52
O6B BDP A . 2.81 -3.78 0.70
H1 BDP A . 2.20 -8.82 -0.26
H2 BDP A . -0.34 -8.30 1.39
H3 BDP A . 0.40 -7.32 -1.41
H4 BDP A . 0.10 -5.61 1.08
H5 BDP A . 2.69 -6.24 -0.39
HO2 BDP A . -1.28 -9.32 -0.51
HO3 BDP A . -1.55 -5.99 -0.91
C1 NGA A . -0.22 -3.68 -0.45
C2 NGA A . 0.03 -2.51 -1.43
C3 NGA A . -0.81 -1.28 -1.03
C4 NGA A . -2.29 -1.65 -0.87
C5 NGA A . -2.50 -2.85 0.05
C6 NGA A . -3.95 -3.32 0.14
C7 NGA A . 2.12 -1.71 -2.51
C8 NGA A . 3.63 -1.52 -2.34
N2 NGA A . 1.47 -2.19 -1.45
O3 NGA A . -0.69 -0.22 -2.06
O4 NGA A . -2.83 -1.93 -2.19
O5 NGA A . -1.66 -3.98 -0.41
O6 NGA A . -4.03 -4.43 1.06
O7 NGA A . 1.53 -1.43 -3.56
H1 NGA A . 0.10 -3.37 0.55
H2 NGA A . -0.26 -2.83 -2.43
H3 NGA A . -0.44 -0.90 -0.07
H4 NGA A . -2.83 -0.79 -0.47
H5 NGA A . -2.17 -2.57 1.05
H61 NGA A . -4.59 -2.51 0.51
H62 NGA A . -4.32 -3.63 -0.84
H81 NGA A . 3.83 -0.85 -1.50
H82 NGA A . 4.05 -1.08 -3.25
H83 NGA A . 4.10 -2.48 -2.15
HN2 NGA A . 2.00 -2.47 -0.63
HO4 NGA A . -2.62 -1.18 -2.76
HO6 NGA A . -3.37 -5.08 0.76
C1 BDP A . -0.39 1.11 -1.55
C2 BDP A . 0.01 2.01 -2.74
C3 BDP A . 0.26 3.45 -2.25
C4 BDP A . -0.93 4.00 -1.42
C5 BDP A . -1.39 3.06 -0.31
C6 BDP A . -2.70 3.63 0.36
O2 BDP A . 1.21 1.46 -3.34
O3 BDP A . 0.46 4.34 -3.37
O4 BDP A . -0.45 5.27 -0.83
O5 BDP A . -1.56 1.68 -0.87
O6A BDP A . -3.79 3.06 0.14
O6B BDP A . -2.61 4.64 1.11
H1 BDP A . 0.45 1.05 -0.84
H2 BDP A . -0.81 2.00 -3.47
H3 BDP A . 1.15 3.46 -1.62
H4 BDP A . -1.78 4.18 -2.10
H5 BDP A . -0.61 3.01 0.46
HO2 BDP A . 1.05 0.50 -3.46
HO3 BDP A . 0.38 5.25 -3.04
C1 NGA A . -1.23 6.45 -1.22
C2 NGA A . -0.90 7.64 -0.29
C3 NGA A . -1.69 8.88 -0.73
C4 NGA A . -1.48 9.19 -2.22
C5 NGA A . -1.74 7.95 -3.11
C6 NGA A . -1.44 8.18 -4.59
C7 NGA A . -0.56 7.76 2.15
C8 NGA A . -0.99 7.19 3.52
N2 NGA A . -1.22 7.28 1.10
O3 NGA A . -1.26 10.07 0.05
O4 NGA A . -0.12 9.64 -2.40
O5 NGA A . -0.95 6.81 -2.62
O6 NGA A . -1.75 6.98 -5.32
O7 NGA A . 0.32 8.62 2.05
H1 NGA A . -2.30 6.21 -1.13
H2 NGA A . 0.17 7.85 -0.37
H3 NGA A . -2.75 8.70 -0.56
H4 NGA A . -2.15 9.99 -2.52
H5 NGA A . -2.80 7.70 -3.02
H61 NGA A . -2.03 9.01 -4.98
H62 NGA A . -0.38 8.42 -4.74
H81 NGA A . -0.43 7.69 4.32
H82 NGA A . -0.79 6.12 3.55
H83 NGA A . -2.06 7.37 3.67
HN2 NGA A . -1.88 6.52 1.22
HO4 NGA A . 0.03 10.37 -1.79
HO6 NGA A . -1.28 6.25 -4.87
C1 BDP A . -2.34 10.84 0.65
C2 BDP A . -1.74 11.84 1.65
C3 BDP A . -2.82 12.76 2.23
C4 BDP A . -3.64 13.43 1.12
C5 BDP A . -4.21 12.41 0.11
C6 BDP A . -5.06 13.13 -1.02
O2 BDP A . -1.09 11.07 2.71
O3 BDP A . -2.22 13.81 3.05
O4 BDP A . -4.74 14.15 1.74
O5 BDP A . -3.09 11.57 -0.39
O6A BDP A . -4.97 12.71 -2.21
O6B BDP A . -5.82 14.07 -0.70
H1 BDP A . -3.03 10.16 1.17
H2 BDP A . -0.98 12.44 1.13
H3 BDP A . -3.49 12.17 2.86
H4 BDP A . -3.02 14.14 0.57
H5 BDP A . -4.90 11.76 0.64
HO2 BDP A . -0.55 10.39 2.27
HO3 BDP A . -2.94 14.43 3.30
HO4 BDP A . -5.35 14.41 1.01
C1 NGA A . 4.74 -12.31 1.87
C2 NGA A . 3.29 -11.77 1.67
C3 NGA A . 3.27 -10.24 1.68
C4 NGA A . 3.94 -9.68 2.95
C5 NGA A . 5.37 -10.25 3.12
C6 NGA A . 6.05 -9.79 4.42
C7 NGA A . 1.60 -12.94 0.31
C8 NGA A . 1.15 -13.31 -1.12
N2 NGA A . 2.74 -12.26 0.39
O1 NGA A . 4.76 -13.74 1.97
O3 NGA A . 1.88 -9.75 1.60
O4 NGA A . 3.12 -10.02 4.09
O5 NGA A . 5.32 -11.73 3.10
O6 NGA A . 7.36 -10.38 4.48
O7 NGA A . 0.94 -13.25 1.30
H1 NGA A . 5.36 -12.01 1.03
H2 NGA A . 2.69 -12.14 2.49
H3 NGA A . 3.84 -9.89 0.81
H4 NGA A . 4.01 -8.59 2.87
H5 NGA A . 5.97 -9.92 2.29
H61 NGA A . 6.14 -8.71 4.45
H62 NGA A . 5.48 -10.11 5.30
H81 NGA A . 1.02 -12.40 -1.71
H82 NGA A . 0.19 -13.84 -1.08
H83 NGA A . 1.89 -13.96 -1.58
HN2 NGA A . 3.25 -12.04 -0.45
HO1 NGA A . 5.65 -14.01 2.24
HO4 NGA A . 2.24 -9.66 3.93
HO6 NGA A . 7.25 -11.34 4.33
C1 BDP A . 1.68 -8.61 0.70
C2 BDP A . 0.17 -8.41 0.43
C3 BDP A . -0.03 -7.16 -0.43
C4 BDP A . 0.62 -5.90 0.17
C5 BDP A . 2.10 -6.12 0.54
C6 BDP A . 2.65 -4.85 1.30
O2 BDP A . -0.37 -9.55 -0.28
O3 BDP A . -1.46 -6.90 -0.58
O4 BDP A . 0.52 -4.86 -0.87
O5 BDP A . 2.23 -7.40 1.31
O6A BDP A . 2.79 -3.77 0.68
O6B BDP A . 2.98 -4.97 2.51
H1 BDP A . 2.19 -8.81 -0.24
H2 BDP A . -0.35 -8.30 1.39
H3 BDP A . 0.40 -7.32 -1.41
H4 BDP A . 0.08 -5.61 1.07
H5 BDP A . 2.68 -6.23 -0.39
HO2 BDP A . -1.28 -9.33 -0.52
HO3 BDP A . -1.55 -5.99 -0.93
C1 NGA A . -0.24 -3.67 -0.47
C2 NGA A . 0.03 -2.51 -1.46
C3 NGA A . -0.82 -1.28 -1.05
C4 NGA A . -2.31 -1.64 -0.90
C5 NGA A . -2.52 -2.85 0.03
C6 NGA A . -3.97 -3.32 0.13
C7 NGA A . 2.10 -1.71 -2.54
C8 NGA A . 3.61 -1.53 -2.37
N2 NGA A . 1.46 -2.18 -1.47
O3 NGA A . -0.70 -0.23 -2.09
O4 NGA A . -2.84 -1.94 -2.21
O5 NGA A . -1.68 -3.98 -0.43
O6 NGA A . -4.04 -4.43 1.04
O7 NGA A . 1.51 -1.44 -3.58
H1 NGA A . 0.08 -3.37 0.53
H2 NGA A . -0.27 -2.83 -2.46
H3 NGA A . -0.45 -0.90 -0.10
H4 NGA A . -2.85 -0.78 -0.50
H5 NGA A . -2.19 -2.57 1.03
H61 NGA A . -4.61 -2.51 0.49
H62 NGA A . -4.34 -3.63 -0.85
H81 NGA A . 4.04 -1.09 -3.27
H82 NGA A . 4.08 -2.49 -2.18
H83 NGA A . 3.81 -0.86 -1.53
HN2 NGA A . 1.98 -2.48 -0.66
HO4 NGA A . -2.64 -1.18 -2.79
HO6 NGA A . -3.38 -5.08 0.74
C1 BDP A . -0.39 1.11 -1.58
C2 BDP A . -0.01 2.00 -2.77
C3 BDP A . 0.25 3.44 -2.28
C4 BDP A . -0.92 3.99 -1.45
C5 BDP A . -1.38 3.05 -0.33
C6 BDP A . -2.68 3.63 0.35
O2 BDP A . 1.18 1.45 -3.38
O3 BDP A . 0.45 4.35 -3.41
O4 BDP A . -0.44 5.26 -0.87
O5 BDP A . -1.55 1.68 -0.89
O6A BDP A . -2.58 4.63 1.11
O6B BDP A . -3.78 3.07 0.13
H1 BDP A . 0.44 1.04 -0.88
H2 BDP A . -0.82 1.99 -3.49
H3 BDP A . 1.14 3.45 -1.66
H4 BDP A . -1.77 4.18 -2.11
H5 BDP A . -0.60 3.00 0.44
HO2 BDP A . 1.03 0.49 -3.49
HO3 BDP A . 0.38 5.25 -3.07
C1 NGA A . -1.22 6.44 -1.23
C2 NGA A . -0.89 7.63 -0.30
C3 NGA A . -1.68 8.88 -0.74
C4 NGA A . -1.48 9.19 -2.23
C5 NGA A . -1.75 7.95 -3.11
C6 NGA A . -1.46 8.19 -4.60
C7 NGA A . -0.51 7.75 2.13
C8 NGA A . -0.92 7.18 3.50
N2 NGA A . -1.18 7.27 1.08
O3 NGA A . -1.24 10.06 0.04
O4 NGA A . -0.12 9.64 -2.42
O5 NGA A . -0.95 6.80 -2.63
O6 NGA A . -1.77 6.98 -5.33
O7 NGA A . 0.37 8.60 2.02
H1 NGA A . -2.28 6.20 -1.14
H2 NGA A . 0.18 7.84 -0.39
H3 NGA A . -2.74 8.68 -0.56
H4 NGA A . -2.15 9.99 -2.52
H5 NGA A . -2.81 7.69 -3.02
H61 NGA A . -2.07 9.01 -4.99
H62 NGA A . -0.40 8.43 -4.75
H81 NGA A . -1.99 7.35 3.66
H82 NGA A . -0.36 7.67 4.30
H83 NGA A . -0.72 6.10 3.53
HN2 NGA A . -1.84 6.51 1.21
HO4 NGA A . 0.03 10.37 -1.81
HO6 NGA A . -1.30 6.26 -4.88
C1 BDP A . -2.33 10.82 0.66
C2 BDP A . -1.70 11.82 1.65
C3 BDP A . -2.79 12.73 2.26
C4 BDP A . -3.64 13.40 1.16
C5 BDP A . -4.21 12.38 0.16
C6 BDP A . -5.08 13.09 -0.94
O2 BDP A . -1.04 11.06 2.70
O3 BDP A . -2.18 13.79 3.06
O4 BDP A . -4.73 14.10 1.81
O5 BDP A . -3.09 11.55 -0.36
O6A BDP A . -5.85 14.03 -0.61
O6B BDP A . -5.01 12.69 -2.13
H1 BDP A . -2.99 10.13 1.19
H2 BDP A . -0.96 12.43 1.13
H3 BDP A . -3.45 12.13 2.90
H4 BDP A . -3.03 14.12 0.61
H5 BDP A . -4.89 11.72 0.70
HO2 BDP A . -0.49 10.38 2.26
HO3 BDP A . -2.90 14.39 3.33
HO4 BDP A . -5.36 14.35 1.09
C1 NGA A . 4.70 -12.38 1.83
C2 NGA A . 3.27 -11.82 1.66
C3 NGA A . 3.28 -10.29 1.63
C4 NGA A . 3.99 -9.71 2.86
C5 NGA A . 5.40 -10.30 3.02
C6 NGA A . 6.13 -9.83 4.28
C7 NGA A . 1.49 -12.98 0.38
C8 NGA A . 1.00 -13.39 -1.02
N2 NGA A . 2.66 -12.34 0.41
O1 NGA A . 4.69 -13.80 1.98
O3 NGA A . 1.88 -9.77 1.58
O4 NGA A . 3.20 -10.00 4.04
O5 NGA A . 5.32 -11.79 3.02
O6 NGA A . 7.44 -10.44 4.31
O7 NGA A . 0.86 -13.26 1.40
H1 NGA A . 5.30 -12.12 0.96
H2 NGA A . 2.67 -12.16 2.51
H3 NGA A . 3.80 -9.97 0.73
H4 NGA A . 4.07 -8.62 2.75
H5 NGA A . 5.99 -10.01 2.15
H61 NGA A . 6.24 -8.74 4.27
H62 NGA A . 5.58 -10.12 5.18
H81 NGA A . 0.04 -13.90 -0.94
H82 NGA A . 1.71 -14.06 -1.49
H83 NGA A . 0.89 -12.49 -1.64
HN2 NGA A . 3.16 -12.14 -0.44
HO1 NGA A . 5.58 -14.08 2.22
HO4 NGA A . 2.31 -9.61 3.90
HO6 NGA A . 7.29 -11.39 4.19
C1 BDP A . 1.69 -8.62 0.69
C2 BDP A . 0.18 -8.41 0.43
C3 BDP A . -0.02 -7.15 -0.42
C4 BDP A . 0.64 -5.91 0.18
C5 BDP A . 2.12 -6.14 0.55
C6 BDP A . 2.68 -4.87 1.31
O2 BDP A . -0.37 -9.56 -0.29
O3 BDP A . -1.45 -6.89 -0.58
O4 BDP A . 0.54 -4.86 -0.85
O5 BDP A . 2.24 -7.42 1.30
O6A BDP A . 2.81 -3.78 0.71
O6B BDP A . 3.02 -5.00 2.52
H1 BDP A . 2.19 -8.82 -0.26
H2 BDP A . -0.34 -8.30 1.39
H3 BDP A . 0.40 -7.32 -1.41
H4 BDP A . 0.10 -5.61 1.08
H5 BDP A . 2.69 -6.24 -0.38
HO2 BDP A . -1.28 -9.32 -0.52
HO3 BDP A . -1.54 -5.98 -0.92
C1 NGA A . -0.22 -3.67 -0.44
C2 NGA A . 0.05 -2.50 -1.43
C3 NGA A . -0.80 -1.28 -1.03
C4 NGA A . -2.28 -1.64 -0.88
C5 NGA A . -2.49 -2.85 0.05
C6 NGA A . -3.96 -3.32 0.13
C7 NGA A . 2.13 -1.71 -2.50
C8 NGA A . 3.65 -1.52 -2.32
N2 NGA A . 1.48 -2.18 -1.43
O3 NGA A . -0.68 -0.22 -2.06
O4 NGA A . -2.81 -1.92 -2.20
O5 NGA A . -1.65 -3.98 -0.42
O6 NGA A . -4.02 -4.43 1.04
O7 NGA A . 1.55 -1.42 -3.55
H1 NGA A . 0.10 -3.37 0.56
H2 NGA A . -0.25 -2.82 -2.43
H3 NGA A . -0.43 -0.90 -0.07
H4 NGA A . -2.82 -0.78 -0.47
H5 NGA A . -2.16 -2.57 1.05
H61 NGA A . -4.58 -2.50 0.51
H62 NGA A . -4.32 -3.62 -0.84
H81 NGA A . 4.11 -2.48 -2.14
H82 NGA A . 3.84 -0.85 -1.48
H83 NGA A . 4.07 -1.07 -3.22
HN2 NGA A . 2.00 -2.47 -0.62
HO4 NGA A . -2.60 -1.16 -2.76
HO6 NGA A . -3.37 -5.08 0.75
C1 BDP A . -0.37 1.12 -1.53
C2 BDP A . 0.01 2.01 -2.73
C3 BDP A . 0.26 3.45 -2.24
C4 BDP A . -0.91 4.00 -1.42
C5 BDP A . -1.38 3.06 -0.30
C6 BDP A . -2.68 3.64 0.36
O2 BDP A . 1.22 1.46 -3.33
O3 BDP A . 0.48 4.35 -3.36
O4 BDP A . -0.45 5.27 -0.83
O5 BDP A . -1.54 1.69 -0.88
O6A BDP A . -3.79 3.07 0.14
O6B BDP A . -2.61 4.64 1.12
H1 BDP A . 0.45 1.05 -0.83
H2 BDP A . -0.78 2.00 -3.46
H3 BDP A . 1.15 3.47 -1.60
H4 BDP A . -1.76 4.19 -2.09
H5 BDP A . -0.61 3.01 0.47
HO2 BDP A . 1.07 0.51 -3.44
HO3 BDP A . 0.40 5.26 -3.03
C1 NGA A . -1.23 6.45 -1.22
C2 NGA A . -0.90 7.64 -0.29
C3 NGA A . -1.69 8.88 -0.73
C4 NGA A . -1.48 9.19 -2.22
C5 NGA A . -1.74 7.95 -3.11
C6 NGA A . -1.43 8.18 -4.59
C7 NGA A . -0.56 7.76 2.16
C8 NGA A . -0.99 7.20 3.53
N2 NGA A . -1.22 7.28 1.10
O3 NGA A . -1.27 10.07 0.05
O4 NGA A . -0.12 9.65 -2.40
O5 NGA A . -0.94 6.81 -2.61
O6 NGA A . -1.74 6.97 -5.31
O7 NGA A . 0.31 8.62 2.05
H1 NGA A . -2.29 6.21 -1.13
H2 NGA A . 0.16 7.86 -0.35
H3 NGA A . -2.76 8.69 -0.56
H4 NGA A . -2.15 9.99 -2.52
H5 NGA A . -2.80 7.70 -3.02
H61 NGA A . -2.03 9.00 -4.98
H62 NGA A . -0.38 8.43 -4.73
H81 NGA A . -0.80 6.12 3.56
H82 NGA A . -2.07 7.37 3.67
H83 NGA A . -0.45 7.69 4.32
HN2 NGA A . -1.88 6.52 1.22
HO4 NGA A . 0.03 10.38 -1.78
HO6 NGA A . -1.27 6.25 -4.86
C1 BDP A . -2.36 10.85 0.64
C2 BDP A . -1.75 11.84 1.64
C3 BDP A . -2.84 12.77 2.22
C4 BDP A . -3.66 13.43 1.10
C5 BDP A . -4.22 12.41 0.10
C6 BDP A . -5.07 13.12 -1.04
O2 BDP A . -1.10 11.08 2.71
O3 BDP A . -2.24 13.82 3.04
O4 BDP A . -4.76 14.15 1.72
O5 BDP A . -3.10 11.57 -0.39
O6A BDP A . -4.97 12.70 -2.22
O6B BDP A . -5.84 14.07 -0.72
H1 BDP A . -3.04 10.16 1.17
H2 BDP A . -0.99 12.45 1.13
H3 BDP A . -3.51 12.18 2.85
H4 BDP A . -3.03 14.15 0.56
H5 BDP A . -4.91 11.76 0.63
HO2 BDP A . -0.56 10.40 2.27
HO3 BDP A . -2.96 14.43 3.28
HO4 BDP A . -5.37 14.40 1.00
C1 NGA A . 4.78 -12.24 1.92
C2 NGA A . 3.33 -11.74 1.70
C3 NGA A . 3.29 -10.20 1.72
C4 NGA A . 3.93 -9.64 3.00
C5 NGA A . 5.35 -10.19 3.20
C6 NGA A . 6.00 -9.73 4.51
C7 NGA A . 1.67 -12.91 0.30
C8 NGA A . 1.25 -13.28 -1.14
N2 NGA A . 2.80 -12.22 0.41
O1 NGA A . 4.81 -13.68 2.01
O3 NGA A . 1.89 -9.73 1.63
O4 NGA A . 3.09 -10.00 4.13
O5 NGA A . 5.33 -11.68 3.16
O6 NGA A . 7.33 -10.30 4.59
O7 NGA A . 1.00 -13.24 1.28
H1 NGA A . 5.41 -11.94 1.09
H2 NGA A . 2.71 -12.12 2.51
H3 NGA A . 3.85 -9.83 0.86
H4 NGA A . 3.97 -8.55 2.94
H5 NGA A . 5.97 -9.84 2.37
H61 NGA A . 6.08 -8.64 4.55
H62 NGA A . 5.42 -10.07 5.37
H81 NGA A . 0.31 -13.82 -1.12
H82 NGA A . 2.02 -13.90 -1.60
H83 NGA A . 1.13 -12.36 -1.72
HN2 NGA A . 3.33 -11.98 -0.42
HO1 NGA A . 5.71 -13.93 2.28
HO4 NGA A . 2.21 -9.64 3.96
HO6 NGA A . 7.23 -11.25 4.42
C1 BDP A . 1.68 -8.60 0.72
C2 BDP A . 0.18 -8.40 0.43
C3 BDP A . -0.03 -7.16 -0.43
C4 BDP A . 0.61 -5.90 0.16
C5 BDP A . 2.08 -6.11 0.53
C6 BDP A . 2.63 -4.83 1.29
O2 BDP A . -0.35 -9.56 -0.27
O3 BDP A . -1.46 -6.92 -0.61
O4 BDP A . 0.50 -4.87 -0.88
O5 BDP A . 2.22 -7.37 1.32
O6A BDP A . 2.92 -4.92 2.50
O6B BDP A . 2.77 -3.75 0.66
H1 BDP A . 2.20 -8.79 -0.22
H2 BDP A . -0.36 -8.29 1.38
H3 BDP A . 0.41 -7.34 -1.42
H4 BDP A . 0.06 -5.59 1.05
H5 BDP A . 2.67 -6.22 -0.39
HO2 BDP A . -1.25 -9.35 -0.52
HO3 BDP A . -1.56 -6.02 -0.97
C1 NGA A . -0.27 -3.68 -0.49
C2 NGA A . 0.00 -2.52 -1.49
C3 NGA A . -0.86 -1.30 -1.09
C4 NGA A . -2.34 -1.66 -0.94
C5 NGA A . -2.54 -2.87 0.00
C6 NGA A . -4.00 -3.34 0.09
C7 NGA A . 2.06 -1.72 -2.57
C8 NGA A . 3.58 -1.52 -2.41
N2 NGA A . 1.42 -2.19 -1.51
O3 NGA A . -0.75 -0.24 -2.13
O4 NGA A . -2.86 -1.96 -2.26
O5 NGA A . -1.70 -4.00 -0.46
O6 NGA A . -4.07 -4.45 1.00
O7 NGA A . 1.47 -1.45 -3.63
H1 NGA A . 0.06 -3.37 0.50
H2 NGA A . -0.30 -2.84 -2.49
H3 NGA A . -0.49 -0.91 -0.14
H4 NGA A . -2.88 -0.81 -0.54
H5 NGA A . -2.22 -2.58 1.00
H61 NGA A . -4.64 -2.54 0.45
H62 NGA A . -4.36 -3.66 -0.89
H81 NGA A . 3.77 -0.85 -1.58
H82 NGA A . 3.99 -1.09 -3.32
H83 NGA A . 4.05 -2.48 -2.22
HN2 NGA A . 1.94 -2.46 -0.69
HO4 NGA A . -2.67 -1.21 -2.83
HO6 NGA A . -3.40 -5.10 0.71
C1 BDP A . -0.42 1.09 -1.62
C2 BDP A . -0.05 1.99 -2.81
C3 BDP A . 0.22 3.42 -2.32
C4 BDP A . -0.95 3.98 -1.48
C5 BDP A . -1.39 3.04 -0.36
C6 BDP A . -2.68 3.63 0.33
O2 BDP A . 1.14 1.43 -3.43
O3 BDP A . 0.42 4.33 -3.45
O4 BDP A . -0.45 5.24 -0.89
O5 BDP A . -1.58 1.67 -0.92
O6A BDP A . -3.80 3.06 0.12
O6B BDP A . -2.58 4.62 1.09
H1 BDP A . 0.42 1.02 -0.92
H2 BDP A . -0.86 1.99 -3.53
H3 BDP A . 1.13 3.43 -1.71
H4 BDP A . -1.80 4.18 -2.13
H5 BDP A . -0.61 2.98 0.40
HO2 BDP A . 0.99 0.48 -3.54
HO3 BDP A . 0.36 5.23 -3.11
C1 NGA A . -1.23 6.44 -1.25
C2 NGA A . -0.87 7.62 -0.31
C3 NGA A . -1.67 8.86 -0.73
C4 NGA A . -1.47 9.18 -2.23
C5 NGA A . -1.77 7.96 -3.12
C6 NGA A . -1.48 8.20 -4.60
C7 NGA A . -0.49 7.71 2.12
C8 NGA A . -0.89 7.13 3.49
N2 NGA A . -1.16 7.25 1.07
O3 NGA A . -1.22 10.04 0.04
O4 NGA A . -0.12 9.63 -2.42
O5 NGA A . -0.97 6.80 -2.65
O6 NGA A . -1.80 6.99 -5.34
O7 NGA A . 0.40 8.55 2.00
H1 NGA A . -2.29 6.20 -1.15
H2 NGA A . 0.20 7.82 -0.41
H3 NGA A . -2.73 8.68 -0.55
H4 NGA A . -2.16 9.99 -2.51
H5 NGA A . -2.82 7.70 -3.01
H61 NGA A . -2.08 9.02 -4.98
H62 NGA A . -0.43 8.43 -4.77
H81 NGA A . -0.69 6.06 3.51
H82 NGA A . -1.95 7.32 3.66
H83 NGA A . -0.30 7.61 4.28
HN2 NGA A . -1.83 6.49 1.20
HO4 NGA A . 0.04 10.36 -1.81
HO6 NGA A . -1.33 6.27 -4.90
C1 BDP A . -2.29 10.80 0.69
C2 BDP A . -1.66 11.79 1.68
C3 BDP A . -2.73 12.70 2.31
C4 BDP A . -3.60 13.38 1.22
C5 BDP A . -4.18 12.37 0.22
C6 BDP A . -5.07 13.08 -0.88
O2 BDP A . -0.98 11.02 2.71
O3 BDP A . -2.11 13.75 3.11
O4 BDP A . -4.67 14.09 1.88
O5 BDP A . -3.06 11.54 -0.32
O6A BDP A . -5.83 14.02 -0.53
O6B BDP A . -5.01 12.69 -2.07
H1 BDP A . -2.95 10.11 1.22
H2 BDP A . -0.92 12.40 1.15
H3 BDP A . -3.38 12.10 2.94
H4 BDP A . -2.99 14.10 0.67
H5 BDP A . -4.85 11.70 0.76
HO2 BDP A . -0.45 10.35 2.25
HO3 BDP A . -2.83 14.34 3.38
HO4 BDP A . -5.30 14.33 1.17
C1 NGA A . 4.92 -12.20 1.53
C2 NGA A . 3.48 -11.67 1.27
C3 NGA A . 3.34 -10.22 1.75
C4 NGA A . 3.81 -10.04 3.20
C5 NGA A . 5.23 -10.61 3.40
C6 NGA A . 5.71 -10.55 4.86
C7 NGA A . 1.94 -12.11 -0.60
C8 NGA A . 1.79 -12.18 -2.14
N2 NGA A . 3.14 -11.76 -0.16
O1 NGA A . 5.01 -13.59 1.20
O3 NGA A . 1.92 -9.78 1.66
O4 NGA A . 2.88 -10.73 4.06
O5 NGA A . 5.29 -12.02 2.94
O6 NGA A . 7.03 -11.10 4.93
O7 NGA A . 1.01 -12.34 0.15
H1 NGA A . 5.63 -11.65 0.91
H2 NGA A . 2.78 -12.30 1.83
H3 NGA A . 3.96 -9.58 1.12
H4 NGA A . 3.80 -8.99 3.46
H5 NGA A . 5.92 -10.02 2.80
H61 NGA A . 5.72 -9.52 5.21
H62 NGA A . 5.04 -11.13 5.52
H81 NGA A . 0.78 -12.50 -2.40
H82 NGA A . 2.51 -12.88 -2.55
H83 NGA A . 1.98 -11.19 -2.57
HN2 NGA A . 3.89 -11.55 -0.82
HO1 NGA A . 5.88 -13.92 1.50
HO4 NGA A . 1.99 -10.39 3.87
HO6 NGA A . 7.01 -11.96 4.50
C1 BDP A . 1.70 -8.61 0.81
C2 BDP A . 0.19 -8.45 0.59
C3 BDP A . -0.08 -7.19 -0.24
C4 BDP A . 0.61 -5.93 0.34
C5 BDP A . 2.09 -6.14 0.68
C6 BDP A . 2.65 -4.87 1.43
O2 BDP A . -0.30 -9.62 -0.09
O3 BDP A . -1.51 -6.90 -0.31
O4 BDP A . 0.48 -4.89 -0.69
O5 BDP A . 2.23 -7.41 1.45
O6A BDP A . 2.81 -3.80 0.79
O6B BDP A . 2.92 -4.96 2.65
H1 BDP A . 2.20 -8.78 -0.15
H2 BDP A . -0.31 -8.37 1.56
H3 BDP A . 0.29 -7.34 -1.25
H4 BDP A . 0.09 -5.63 1.25
H5 BDP A . 2.65 -6.25 -0.25
HO2 BDP A . 0.07 -10.41 0.36
HO3 BDP A . -1.62 -6.00 -0.65
C1 NGA A . -0.25 -3.68 -0.28
C2 NGA A . -0.01 -2.54 -1.28
C3 NGA A . -0.83 -1.30 -0.87
C4 NGA A . -2.30 -1.64 -0.64
C5 NGA A . -2.49 -2.83 0.31
C6 NGA A . -3.95 -3.27 0.47
C7 NGA A . 2.03 -1.78 -2.45
C8 NGA A . 3.55 -1.61 -2.33
N2 NGA A . 1.42 -2.23 -1.35
O3 NGA A . -0.75 -0.26 -1.93
O4 NGA A . -2.90 -1.94 -1.93
O5 NGA A . -1.69 -3.98 -0.17
O6 NGA A . -3.99 -4.37 1.41
O7 NGA A . 1.42 -1.52 -3.47
H1 NGA A . 0.11 -3.38 0.71
H2 NGA A . -0.34 -2.87 -2.26
H3 NGA A . -0.42 -0.91 0.06
H4 NGA A . -2.82 -0.76 -0.24
H5 NGA A . -2.12 -2.54 1.29
H61 NGA A . -4.56 -2.45 0.85
H62 NGA A . -4.37 -3.60 -0.48
H81 NGA A . 4.03 -2.58 -2.14
H82 NGA A . 3.79 -0.93 -1.50
H83 NGA A . 3.95 -1.20 -3.26
HN2 NGA A . 1.97 -2.51 -0.55
HO4 NGA A . -2.71 -1.20 -2.52
HO6 NGA A . -3.37 -5.03 1.09
C1 BDP A . -0.41 1.09 -1.46
C2 BDP A . -0.06 1.95 -2.68
C3 BDP A . 0.21 3.40 -2.24
C4 BDP A . -0.94 3.97 -1.40
C5 BDP A . -1.36 3.06 -0.23
C6 BDP A . -2.63 3.67 0.47
O2 BDP A . 1.12 1.37 -3.31
O3 BDP A . 0.39 4.26 -3.39
O4 BDP A . -0.44 5.25 -0.87
O5 BDP A . -1.55 1.68 -0.75
O6A BDP A . -3.74 3.10 0.30
O6B BDP A . -2.52 4.69 1.20
H1 BDP A . 0.45 1.03 -0.78
H2 BDP A . -0.89 1.92 -3.38
H3 BDP A . 1.12 3.42 -1.65
H4 BDP A . -1.80 4.14 -2.04
H5 BDP A . -0.56 3.04 0.51
HO2 BDP A . 0.96 0.41 -3.40
HO3 BDP A . 0.32 5.18 -3.08
C1 NGA A . -1.25 6.43 -1.25
C2 NGA A . -0.88 7.64 -0.37
C3 NGA A . -1.70 8.88 -0.82
C4 NGA A . -1.55 9.13 -2.33
C5 NGA A . -1.84 7.87 -3.16
C6 NGA A . -1.60 8.06 -4.66
C7 NGA A . -0.43 7.84 2.05
C8 NGA A . -0.80 7.32 3.45
N2 NGA A . -1.13 7.34 1.04
O3 NGA A . -1.24 10.08 -0.10
O4 NGA A . -0.20 9.59 -2.57
O5 NGA A . -1.01 6.75 -2.66
O6 NGA A . -1.92 6.82 -5.34
O7 NGA A . 0.44 8.70 1.88
H1 NGA A . -2.30 6.19 -1.11
H2 NGA A . 0.18 7.86 -0.50
H3 NGA A . -2.75 8.68 -0.60
H4 NGA A . -2.24 9.93 -2.62
H5 NGA A . -2.89 7.61 -3.02
H61 NGA A . -2.21 8.86 -5.05
H62 NGA A . -0.55 8.30 -4.85
H81 NGA A . -0.59 6.25 3.51
H82 NGA A . -1.86 7.49 3.65
H83 NGA A . -0.20 7.83 4.21
HN2 NGA A . -1.79 6.58 1.22
HO4 NGA A . -0.03 10.34 -1.99
HO6 NGA A . -1.43 6.12 -4.89
C1 BDP A . -2.31 10.85 0.54
C2 BDP A . -1.66 11.89 1.48
C3 BDP A . -2.73 12.82 2.09
C4 BDP A . -3.63 13.44 0.99
C5 BDP A . -4.22 12.39 0.05
C6 BDP A . -5.14 13.05 -1.06
O2 BDP A . -0.95 11.17 2.53
O3 BDP A . -2.11 13.90 2.83
O4 BDP A . -4.71 14.17 1.65
O5 BDP A . -3.11 11.55 -0.48
O6A BDP A . -5.10 12.60 -2.23
O6B BDP A . -5.90 13.99 -0.73
H1 BDP A . -2.95 10.18 1.11
H2 BDP A . -0.94 12.49 0.91
H3 BDP A . -3.36 12.24 2.77
H4 BDP A . -3.04 14.15 0.40
H5 BDP A . -4.87 11.74 0.64
HO2 BDP A . -0.43 10.48 2.09
HO3 BDP A . -2.82 14.52 3.11
HO4 BDP A . -5.35 14.38 0.95
C1 NGA A . 4.68 -12.41 1.80
C2 NGA A . 3.24 -11.85 1.63
C3 NGA A . 3.26 -10.31 1.62
C4 NGA A . 3.98 -9.74 2.85
C5 NGA A . 5.39 -10.36 2.99
C6 NGA A . 6.12 -9.89 4.26
C7 NGA A . 1.47 -12.98 0.34
C8 NGA A . 0.96 -13.37 -1.06
N2 NGA A . 2.62 -12.33 0.38
O1 NGA A . 4.66 -13.84 1.92
O3 NGA A . 1.87 -9.79 1.58
O4 NGA A . 3.19 -10.04 4.03
O5 NGA A . 5.30 -11.83 2.99
O6 NGA A . 7.43 -10.51 4.28
O7 NGA A . 0.83 -13.26 1.36
H1 NGA A . 5.28 -12.14 0.92
H2 NGA A . 2.65 -12.18 2.49
H3 NGA A . 3.80 -9.98 0.73
H4 NGA A . 4.08 -8.66 2.76
H5 NGA A . 5.98 -10.05 2.12
H61 NGA A . 6.25 -8.81 4.26
H62 NGA A . 5.58 -10.18 5.15
H81 NGA A . 1.67 -14.04 -1.53
H82 NGA A . 0.85 -12.46 -1.67
H83 NGA A . -0.01 -13.87 -0.98
HN2 NGA A . 3.12 -12.14 -0.47
HO1 NGA A . 5.55 -14.12 2.16
HO4 NGA A . 2.31 -9.66 3.90
HO6 NGA A . 7.28 -11.46 4.16
C1 BDP A . 1.68 -8.63 0.68
C2 BDP A . 0.17 -8.40 0.45
C3 BDP A . -0.03 -7.14 -0.40
C4 BDP A . 0.65 -5.90 0.20
C5 BDP A . 2.13 -6.14 0.55
C6 BDP A . 2.70 -4.89 1.32
O2 BDP A . -0.40 -9.53 -0.26
O3 BDP A . -1.45 -6.87 -0.54
O4 BDP A . 0.55 -4.86 -0.84
O5 BDP A . 2.24 -7.43 1.30
O6A BDP A . 3.07 -5.04 2.52
O6B BDP A . 2.83 -3.79 0.72
H1 BDP A . 2.17 -8.82 -0.27
H2 BDP A . -0.34 -8.29 1.41
H3 BDP A . 0.38 -7.31 -1.39
H4 BDP A . 0.12 -5.60 1.11
H5 BDP A . 2.70 -6.25 -0.38
HO2 BDP A . -1.31 -9.30 -0.49
HO3 BDP A . -1.54 -5.95 -0.88
C1 NGA A . -0.20 -3.66 -0.42
C2 NGA A . 0.06 -2.50 -1.41
C3 NGA A . -0.77 -1.26 -1.00
C4 NGA A . -2.25 -1.62 -0.84
C5 NGA A . -2.47 -2.83 0.08
C6 NGA A . -3.93 -3.29 0.18
C7 NGA A . 2.14 -1.71 -2.48
C8 NGA A . 3.67 -1.53 -2.31
N2 NGA A . 1.50 -2.18 -1.42
O3 NGA A . -0.65 -0.21 -2.03
O4 NGA A . -2.79 -1.90 -2.16
O5 NGA A . -1.63 -3.96 -0.38
O6 NGA A . -4.00 -4.40 1.08
O7 NGA A . 1.57 -1.42 -3.53
H1 NGA A . 0.13 -3.36 0.58
H2 NGA A . -0.22 -2.81 -2.40
H3 NGA A . -0.40 -0.89 -0.05
H4 NGA A . -2.79 -0.76 -0.44
H5 NGA A . -2.13 -2.55 1.08
H61 NGA A . -4.56 -2.48 0.55
H62 NGA A . -4.30 -3.60 -0.80
H81 NGA A . 4.10 -1.09 -3.21
H82 NGA A . 4.13 -2.49 -2.13
H83 NGA A . 3.86 -0.86 -1.46
HN2 NGA A . 2.02 -2.48 -0.60
HO4 NGA A . -2.58 -1.15 -2.73
HO6 NGA A . -3.35 -5.05 0.79
C1 BDP A . -0.35 1.12 -1.52
C2 BDP A . 0.04 2.02 -2.71
C3 BDP A . 0.29 3.47 -2.22
C4 BDP A . -0.90 4.01 -1.41
C5 BDP A . -1.36 3.08 -0.29
C6 BDP A . -2.67 3.66 0.36
O2 BDP A . 1.26 1.47 -3.31
O3 BDP A . 0.51 4.36 -3.35
O4 BDP A . -0.43 5.29 -0.83
O5 BDP A . -1.52 1.70 -0.85
O6A BDP A . -2.60 4.65 1.12
O6B BDP A . -3.77 3.08 0.14
H1 BDP A . 0.48 1.06 -0.81
H2 BDP A . -0.76 2.01 -3.45
H3 BDP A . 1.18 3.48 -1.60
H4 BDP A . -1.74 4.19 -2.09
H5 BDP A . -0.59 3.03 0.48
HO2 BDP A . 1.10 0.52 -3.42
HO3 BDP A . 0.42 5.27 -3.02
C1 NGA A . -1.22 6.46 -1.22
C2 NGA A . -0.89 7.66 -0.30
C3 NGA A . -1.70 8.90 -0.74
C4 NGA A . -1.48 9.19 -2.24
C5 NGA A . -1.73 7.96 -3.11
C6 NGA A . -1.42 8.18 -4.60
C7 NGA A . -0.56 7.79 2.15
C8 NGA A . -0.99 7.23 3.52
N2 NGA A . -1.21 7.30 1.10
O3 NGA A . -1.28 10.08 0.04
O4 NGA A . -0.12 9.66 -2.41
O5 NGA A . -0.93 6.82 -2.61
O6 NGA A . -1.71 6.96 -5.31
O7 NGA A . 0.31 8.65 2.04
H1 NGA A . -2.28 6.21 -1.13
H2 NGA A . 0.17 7.87 -0.36
H3 NGA A . -2.76 8.70 -0.58
H4 NGA A . -2.16 9.99 -2.54
H5 NGA A . -2.78 7.69 -3.02
H61 NGA A . -2.03 9.00 -5.00
H62 NGA A . -0.37 8.43 -4.74
H81 NGA A . -0.44 7.73 4.32
H82 NGA A . -0.78 6.15 3.55
H83 NGA A . -2.06 7.39 3.66
HN2 NGA A . -1.87 6.54 1.22
HO4 NGA A . 0.02 10.39 -1.80
HO6 NGA A . -1.24 6.25 -4.87
C1 BDP A . -2.38 10.85 0.63
C2 BDP A . -1.78 11.86 1.63
C3 BDP A . -2.88 12.77 2.21
C4 BDP A . -3.71 13.43 1.09
C5 BDP A . -4.26 12.39 0.09
C6 BDP A . -5.12 13.09 -1.04
O2 BDP A . -1.12 11.10 2.69
O3 BDP A . -2.30 13.83 3.01
O4 BDP A . -4.82 14.13 1.71
O5 BDP A . -3.12 11.56 -0.41
O6A BDP A . -5.90 14.02 -0.73
O6B BDP A . -5.02 12.68 -2.22
H1 BDP A . -3.04 10.16 1.16
H2 BDP A . -1.03 12.47 1.11
H3 BDP A . -3.53 12.17 2.84
H4 BDP A . -3.09 14.14 0.54
H5 BDP A . -4.94 11.73 0.62
HO2 BDP A . -0.57 10.43 2.26
HO3 BDP A . -3.01 14.43 3.27
HO4 BDP A . -5.42 14.37 0.98
C1 NGA A . 4.96 -12.15 1.64
C2 NGA A . 3.52 -11.63 1.36
C3 NGA A . 3.36 -10.16 1.79
C4 NGA A . 3.81 -9.95 3.24
C5 NGA A . 5.23 -10.49 3.49
C6 NGA A . 5.69 -10.39 4.94
C7 NGA A . 2.02 -12.12 -0.54
C8 NGA A . 1.88 -12.23 -2.06
N2 NGA A . 3.21 -11.75 -0.08
O1 NGA A . 5.07 -13.54 1.36
O3 NGA A . 1.94 -9.75 1.68
O4 NGA A . 2.87 -10.61 4.12
O5 NGA A . 5.31 -11.91 3.05
O6 NGA A . 7.04 -10.92 5.04
O7 NGA A . 1.07 -12.34 0.22
H1 NGA A . 5.67 -11.60 1.03
H2 NGA A . 2.82 -12.24 1.92
H3 NGA A . 3.98 -9.54 1.14
H4 NGA A . 3.80 -8.88 3.47
H5 NGA A . 5.92 -9.91 2.87
H61 NGA A . 5.70 -9.34 5.27
H62 NGA A . 5.04 -10.95 5.60
H81 NGA A . 2.61 -12.96 -2.44
H82 NGA A . 2.06 -11.26 -2.52
H83 NGA A . 0.88 -12.57 -2.32
HN2 NGA A . 3.96 -11.56 -0.73
HO1 NGA A . 5.93 -13.84 1.68
HO4 NGA A . 1.98 -10.28 3.90
HO6 NGA A . 7.02 -11.79 4.63
C1 BDP A . 1.72 -8.60 0.81
C2 BDP A . 0.20 -8.44 0.58
C3 BDP A . -0.07 -7.20 -0.28
C4 BDP A . 0.59 -5.93 0.30
C5 BDP A . 2.07 -6.11 0.66
C6 BDP A . 2.60 -4.82 1.40
O2 BDP A . -0.26 -9.64 -0.12
O3 BDP A . -1.50 -6.94 -0.38
O4 BDP A . 0.45 -4.90 -0.75
O5 BDP A . 2.22 -7.38 1.44
O6A BDP A . 2.84 -4.89 2.62
O6B BDP A . 2.78 -3.76 0.74
H1 BDP A . 2.23 -8.76 -0.14
H2 BDP A . -0.30 -8.37 1.53
H3 BDP A . 0.32 -7.35 -1.28
H4 BDP A . 0.04 -5.63 1.20
H5 BDP A . 2.64 -6.22 -0.27
HO2 BDP A . 0.12 -10.40 0.36
HO3 BDP A . -1.61 -6.04 -0.72
C1 NGA A . -0.29 -3.70 -0.33
C2 NGA A . -0.05 -2.55 -1.35
C3 NGA A . -0.89 -1.32 -0.94
C4 NGA A . -2.36 -1.67 -0.74
C5 NGA A . -2.54 -2.86 0.22
C6 NGA A . -4.00 -3.32 0.38
C7 NGA A . 1.98 -1.79 -2.51
C8 NGA A . 3.50 -1.59 -2.39
N2 NGA A . 1.37 -2.23 -1.41
O3 NGA A . -0.80 -0.28 -1.99
O4 NGA A . -2.94 -1.99 -2.02
O5 NGA A . -1.72 -4.00 -0.24
O6 NGA A . -4.04 -4.42 1.31
O7 NGA A . 1.37 -1.52 -3.54
H1 NGA A . 0.06 -3.38 0.65
H2 NGA A . -0.38 -2.89 -2.33
H3 NGA A . -0.48 -0.92 0.00
H4 NGA A . -2.89 -0.81 -0.32
H5 NGA A . -2.18 -2.57 1.21
H61 NGA A . -4.62 -2.50 0.75
H62 NGA A . -4.40 -3.65 -0.58
H81 NGA A . 3.73 -0.91 -1.57
H82 NGA A . 3.90 -1.18 -3.31
H83 NGA A . 3.98 -2.56 -2.19
HN2 NGA A . 1.93 -2.50 -0.61
HO4 NGA A . -2.75 -1.24 -2.61
HO6 NGA A . -3.40 -5.07 1.01
C1 BDP A . -0.46 1.06 -1.52
C2 BDP A . -0.11 1.93 -2.74
C3 BDP A . 0.17 3.38 -2.29
C4 BDP A . -0.97 3.96 -1.43
C5 BDP A . -1.39 3.03 -0.28
C6 BDP A . -2.66 3.63 0.43
O2 BDP A . 1.06 1.36 -3.38
O3 BDP A . 0.34 4.25 -3.45
O4 BDP A . -0.46 5.22 -0.90
O5 BDP A . -1.59 1.65 -0.81
O6A BDP A . -2.54 4.66 1.17
O6B BDP A . -3.77 3.07 0.27
H1 BDP A . 0.40 1.00 -0.85
H2 BDP A . -0.95 1.91 -3.44
H3 BDP A . 1.08 3.39 -1.70
H4 BDP A . -1.85 4.13 -2.07
H5 BDP A . -0.59 2.99 0.46
HO2 BDP A . 0.89 0.40 -3.47
HO3 BDP A . 0.28 5.17 -3.12
C1 NGA A . -1.26 6.41 -1.26
C2 NGA A . -0.87 7.61 -0.37
C3 NGA A . -1.68 8.85 -0.80
C4 NGA A . -1.54 9.13 -2.30
C5 NGA A . -1.85 7.88 -3.15
C6 NGA A . -1.61 8.08 -4.66
C7 NGA A . -0.42 7.78 2.05
C8 NGA A . -0.78 7.24 3.44
N2 NGA A . -1.13 7.29 1.04
O3 NGA A . -1.21 10.05 -0.06
O4 NGA A . -0.19 9.57 -2.55
O5 NGA A . -1.03 6.74 -2.68
O6 NGA A . -1.95 6.86 -5.34
O7 NGA A . 0.46 8.62 1.88
H1 NGA A . -2.31 6.18 -1.11
H2 NGA A . 0.19 7.82 -0.50
H3 NGA A . -2.74 8.67 -0.58
H4 NGA A . -2.22 9.94 -2.59
H5 NGA A . -2.90 7.63 -3.00
H61 NGA A . -2.22 8.90 -5.03
H62 NGA A . -0.56 8.31 -4.85
H81 NGA A . -1.84 7.42 3.65
H82 NGA A . -0.18 7.74 4.21
H83 NGA A . -0.59 6.17 3.49
HN2 NGA A . -1.79 6.54 1.21
HO4 NGA A . 0.00 10.31 -1.96
HO6 NGA A . -1.47 6.14 -4.89
C1 BDP A . -2.27 10.83 0.58
C2 BDP A . -1.60 11.85 1.53
C3 BDP A . -2.66 12.78 2.15
C4 BDP A . -3.55 13.43 1.08
C5 BDP A . -4.16 12.39 0.12
C6 BDP A . -5.07 13.08 -0.98
O2 BDP A . -0.90 11.10 2.56
O3 BDP A . -2.02 13.85 2.91
O4 BDP A . -4.61 14.16 1.74
O5 BDP A . -3.06 11.54 -0.43
O6A BDP A . -5.04 12.65 -2.15
O6B BDP A . -5.82 14.03 -0.63
H1 BDP A . -2.92 10.16 1.15
H2 BDP A . -0.87 12.44 0.97
H3 BDP A . -3.29 12.20 2.83
H4 BDP A . -2.95 14.13 0.49
H5 BDP A . -4.82 11.74 0.70
HO2 BDP A . -0.39 10.41 2.11
HO3 BDP A . -2.72 14.46 3.20
HO4 BDP A . -5.25 14.39 1.04
C1 NGA A . 4.91 -12.21 1.59
C2 NGA A . 3.48 -11.67 1.32
C3 NGA A . 3.34 -10.21 1.76
C4 NGA A . 3.83 -9.99 3.20
C5 NGA A . 5.24 -10.55 3.41
C6 NGA A . 5.73 -10.45 4.87
C7 NGA A . 1.94 -12.15 -0.55
C8 NGA A . 1.78 -12.26 -2.07
N2 NGA A . 3.15 -11.80 -0.11
O1 NGA A . 5.00 -13.60 1.30
O3 NGA A . 1.93 -9.77 1.66
O4 NGA A . 2.89 -10.64 4.09
O5 NGA A . 5.29 -11.98 2.99
O6 NGA A . 7.06 -11.00 4.95
O7 NGA A . 0.99 -12.35 0.23
H1 NGA A . 5.62 -11.68 0.95
H2 NGA A . 2.78 -12.28 1.90
H3 NGA A . 3.97 -9.59 1.10
H4 NGA A . 3.82 -8.92 3.42
H5 NGA A . 5.93 -9.99 2.79
H61 NGA A . 5.74 -9.40 5.20
H62 NGA A . 5.07 -11.00 5.54
H81 NGA A . 2.49 -13.00 -2.46
H82 NGA A . 1.99 -11.29 -2.54
H83 NGA A . 0.77 -12.58 -2.32
HN2 NGA A . 3.88 -11.62 -0.76
HO1 NGA A . 5.87 -13.92 1.62
HO4 NGA A . 2.00 -10.31 3.89
HO6 NGA A . 7.02 -11.87 4.54
C1 BDP A . 1.71 -8.61 0.80
C2 BDP A . 0.19 -8.45 0.58
C3 BDP A . -0.07 -7.19 -0.26
C4 BDP A . 0.60 -5.93 0.32
C5 BDP A . 2.08 -6.13 0.66
C6 BDP A . 2.64 -4.85 1.40
O2 BDP A . -0.29 -9.63 -0.11
O3 BDP A . -1.50 -6.92 -0.34
O4 BDP A . 0.47 -4.89 -0.72
O5 BDP A . 2.24 -7.40 1.44
O6A BDP A . 2.90 -4.94 2.63
O6B BDP A . 2.81 -3.79 0.76
H1 BDP A . 2.21 -8.77 -0.15
H2 BDP A . -0.30 -8.37 1.55
H3 BDP A . 0.31 -7.35 -1.27
H4 BDP A . 0.07 -5.63 1.23
H5 BDP A . 2.65 -6.24 -0.27
HO2 BDP A . 0.08 -10.40 0.35
HO3 BDP A . -1.61 -6.02 -0.69
C1 NGA A . -0.26 -3.69 -0.30
C2 NGA A . -0.02 -2.55 -1.31
C3 NGA A . -0.84 -1.30 -0.90
C4 NGA A . -2.33 -1.64 -0.69
C5 NGA A . -2.50 -2.84 0.27
C6 NGA A . -3.96 -3.28 0.43
C7 NGA A . 2.01 -1.79 -2.47
C8 NGA A . 3.54 -1.60 -2.36
N2 NGA A . 1.41 -2.22 -1.38
O3 NGA A . -0.75 -0.27 -1.96
O4 NGA A . -2.90 -1.96 -1.97
O5 NGA A . -1.69 -3.99 -0.20
O6 NGA A . -4.01 -4.39 1.37
O7 NGA A . 1.41 -1.51 -3.50
H1 NGA A . 0.10 -3.39 0.68
H2 NGA A . -0.36 -2.88 -2.30
H3 NGA A . -0.44 -0.91 0.04
H4 NGA A . -2.84 -0.78 -0.27
H5 NGA A . -2.13 -2.55 1.25
H61 NGA A . -4.58 -2.47 0.80
H62 NGA A . -4.37 -3.62 -0.53
H81 NGA A . 3.94 -1.18 -3.29
H82 NGA A . 4.02 -2.57 -2.17
H83 NGA A . 3.77 -0.93 -1.54
HN2 NGA A . 1.95 -2.51 -0.57
HO4 NGA A . -2.72 -1.22 -2.57
HO6 NGA A . -3.37 -5.04 1.05
C1 BDP A . -0.42 1.08 -1.48
C2 BDP A . -0.08 1.95 -2.70
C3 BDP A . 0.20 3.40 -2.26
C4 BDP A . -0.95 3.97 -1.41
C5 BDP A . -1.37 3.05 -0.25
C6 BDP A . -2.64 3.66 0.45
O2 BDP A . 1.11 1.37 -3.34
O3 BDP A . 0.37 4.26 -3.41
O4 BDP A . -0.45 5.25 -0.87
O5 BDP A . -1.57 1.67 -0.78
O6A BDP A . -3.76 3.09 0.27
O6B BDP A . -2.53 4.67 1.19
H1 BDP A . 0.43 1.02 -0.80
H2 BDP A . -0.91 1.92 -3.41
H3 BDP A . 1.11 3.41 -1.66
H4 BDP A . -1.82 4.14 -2.05
H5 BDP A . -0.57 3.02 0.49
HO2 BDP A . 0.94 0.42 -3.43
HO3 BDP A . 0.31 5.18 -3.10
C1 NGA A . -1.25 6.42 -1.25
C2 NGA A . -0.88 7.64 -0.37
C3 NGA A . -1.69 8.87 -0.80
C4 NGA A . -1.55 9.13 -2.31
C5 NGA A . -1.84 7.88 -3.15
C6 NGA A . -1.59 8.07 -4.66
C7 NGA A . -0.43 7.81 2.06
C8 NGA A . -0.81 7.28 3.45
N2 NGA A . -1.13 7.32 1.04
O3 NGA A . -1.23 10.08 -0.07
O4 NGA A . -0.19 9.58 -2.56
O5 NGA A . -1.02 6.75 -2.66
O6 NGA A . -1.93 6.84 -5.34
O7 NGA A . 0.44 8.67 1.89
H1 NGA A . -2.31 6.19 -1.12
H2 NGA A . 0.19 7.85 -0.49
H3 NGA A . -2.74 8.68 -0.59
H4 NGA A . -2.22 9.93 -2.60
H5 NGA A . -2.89 7.62 -3.01
H61 NGA A . -2.21 8.88 -5.04
H62 NGA A . -0.54 8.31 -4.85
H81 NGA A . -0.21 7.79 4.22
H82 NGA A . -0.60 6.21 3.50
H83 NGA A . -1.87 7.46 3.65
HN2 NGA A . -1.79 6.56 1.21
HO4 NGA A . -0.02 10.33 -1.96
HO6 NGA A . -1.44 6.13 -4.89
C1 BDP A . -2.30 10.85 0.56
C2 BDP A . -1.65 11.87 1.50
C3 BDP A . -2.71 12.80 2.12
C4 BDP A . -3.60 13.44 1.03
C5 BDP A . -4.20 12.39 0.07
C6 BDP A . -5.11 13.06 -1.03
O2 BDP A . -0.95 11.14 2.55
O3 BDP A . -2.09 13.88 2.88
O4 BDP A . -4.68 14.17 1.68
O5 BDP A . -3.10 11.54 -0.45
O6A BDP A . -5.07 12.63 -2.20
O6B BDP A . -5.87 14.02 -0.69
H1 BDP A . -2.95 10.18 1.13
H2 BDP A . -0.92 12.47 0.94
H3 BDP A . -3.35 12.22 2.80
H4 BDP A . -3.01 14.14 0.44
H5 BDP A . -4.86 11.74 0.65
HO2 BDP A . -0.43 10.45 2.10
HO3 BDP A . -2.80 14.49 3.15
HO4 BDP A . -5.32 14.39 0.98
C1 NGA A . 4.90 -12.22 1.57
C2 NGA A . 3.47 -11.69 1.30
C3 NGA A . 3.34 -10.22 1.75
C4 NGA A . 3.81 -10.01 3.19
C5 NGA A . 5.23 -10.59 3.41
C6 NGA A . 5.72 -10.49 4.86
C7 NGA A . 1.92 -12.15 -0.56
C8 NGA A . 1.76 -12.25 -2.09
N2 NGA A . 3.13 -11.81 -0.12
O1 NGA A . 4.99 -13.63 1.28
O3 NGA A . 1.92 -9.78 1.66
O4 NGA A . 2.88 -10.67 4.08
O5 NGA A . 5.27 -12.00 2.98
O6 NGA A . 7.04 -11.04 4.94
O7 NGA A . 0.98 -12.35 0.21
H1 NGA A . 5.61 -11.69 0.94
H2 NGA A . 2.77 -12.29 1.89
H3 NGA A . 3.96 -9.60 1.09
H4 NGA A . 3.82 -8.95 3.42
H5 NGA A . 5.92 -10.01 2.78
H61 NGA A . 5.74 -9.44 5.18
H62 NGA A . 5.06 -11.04 5.53
H81 NGA A . 0.75 -12.56 -2.34
H82 NGA A . 2.47 -12.99 -2.47
H83 NGA A . 1.97 -11.28 -2.54
HN2 NGA A . 3.87 -11.62 -0.78
HO1 NGA A . 5.85 -13.94 1.59
HO4 NGA A . 1.99 -10.32 3.87
HO6 NGA A . 7.00 -11.92 4.53
C1 BDP A . 1.71 -8.62 0.80
C2 BDP A . 0.19 -8.45 0.58
C3 BDP A . -0.08 -7.18 -0.25
C4 BDP A . 0.60 -5.93 0.33
C5 BDP A . 2.09 -6.14 0.66
C6 BDP A . 2.64 -4.87 1.40
O2 BDP A . -0.29 -9.63 -0.11
O3 BDP A . -1.51 -6.91 -0.33
O4 BDP A . 0.48 -4.89 -0.72
O5 BDP A . 2.23 -7.41 1.43
O6A BDP A . 2.82 -3.80 0.76
O6B BDP A . 2.92 -4.95 2.63
H1 BDP A . 2.20 -8.78 -0.16
H2 BDP A . -0.31 -8.37 1.55
H3 BDP A . 0.31 -7.35 -1.27
H4 BDP A . 0.08 -5.63 1.24
H5 BDP A . 2.65 -6.25 -0.27
HO2 BDP A . 0.07 -10.41 0.36
HO3 BDP A . -1.60 -6.01 -0.68
C1 NGA A . -0.25 -3.69 -0.29
C2 NGA A . -0.01 -2.53 -1.30
C3 NGA A . -0.82 -1.29 -0.88
C4 NGA A . -2.31 -1.64 -0.66
C5 NGA A . -2.50 -2.83 0.29
C6 NGA A . -3.96 -3.28 0.45
C7 NGA A . 2.03 -1.78 -2.46
C8 NGA A . 3.56 -1.60 -2.35
N2 NGA A . 1.42 -2.23 -1.37
O3 NGA A . -0.74 -0.27 -1.94
O4 NGA A . -2.89 -1.95 -1.95
O5 NGA A . -1.69 -3.98 -0.19
O6 NGA A . -4.00 -4.37 1.38
O7 NGA A . 1.42 -1.51 -3.50
H1 NGA A . 0.12 -3.38 0.69
H2 NGA A . -0.35 -2.87 -2.28
H3 NGA A . -0.42 -0.90 0.05
H4 NGA A . -2.82 -0.77 -0.25
H5 NGA A . -2.11 -2.54 1.27
H61 NGA A . -4.56 -2.45 0.82
H62 NGA A . -4.36 -3.60 -0.51
H81 NGA A . 3.79 -0.93 -1.53
H82 NGA A . 3.95 -1.18 -3.28
H83 NGA A . 4.03 -2.57 -2.16
HN2 NGA A . 1.96 -2.51 -0.56
HO4 NGA A . -2.70 -1.20 -2.54
HO6 NGA A . -3.37 -5.04 1.07
C1 BDP A . -0.41 1.08 -1.47
C2 BDP A . -0.06 1.95 -2.68
C3 BDP A . 0.21 3.40 -2.25
C4 BDP A . -0.94 3.97 -1.40
C5 BDP A . -1.36 3.06 -0.24
C6 BDP A . -2.63 3.66 0.46
O2 BDP A . 1.12 1.38 -3.32
O3 BDP A . 0.39 4.27 -3.41
O4 BDP A . -0.44 5.25 -0.87
O5 BDP A . -1.55 1.68 -0.76
O6A BDP A . -3.74 3.10 0.29
O6B BDP A . -2.51 4.68 1.19
H1 BDP A . 0.45 1.03 -0.79
H2 BDP A . -0.89 1.93 -3.40
H3 BDP A . 1.13 3.42 -1.66
H4 BDP A . -1.80 4.14 -2.04
H5 BDP A . -0.55 3.03 0.49
HO2 BDP A . 0.96 0.42 -3.41
HO3 BDP A . 0.31 5.19 -3.09
C1 NGA A . -1.25 6.42 -1.25
C2 NGA A . -0.88 7.65 -0.36
C3 NGA A . -1.70 8.87 -0.81
C4 NGA A . -1.55 9.13 -2.32
C5 NGA A . -1.85 7.87 -3.16
C6 NGA A . -1.60 8.06 -4.65
C7 NGA A . -0.43 7.83 2.05
C8 NGA A . -0.79 7.30 3.45
N2 NGA A . -1.13 7.32 1.04
O3 NGA A . -1.24 10.08 -0.08
O4 NGA A . -0.20 9.59 -2.57
O5 NGA A . -1.02 6.75 -2.66
O6 NGA A . -1.93 6.83 -5.33
O7 NGA A . 0.44 8.69 1.88
H1 NGA A . -2.30 6.19 -1.11
H2 NGA A . 0.18 7.86 -0.49
H3 NGA A . -2.75 8.69 -0.59
H4 NGA A . -2.24 9.93 -2.61
H5 NGA A . -2.90 7.61 -3.01
H61 NGA A . -2.23 8.87 -5.04
H62 NGA A . -0.56 8.30 -4.85
H81 NGA A . -0.59 6.23 3.51
H82 NGA A . -1.86 7.48 3.65
H83 NGA A . -0.20 7.82 4.21
HN2 NGA A . -1.79 6.57 1.22
HO4 NGA A . -0.03 10.34 -1.98
HO6 NGA A . -1.44 6.13 -4.89
C1 BDP A . -2.31 10.86 0.55
C2 BDP A . -1.66 11.89 1.49
C3 BDP A . -2.73 12.81 2.10
C4 BDP A . -3.63 13.44 1.01
C5 BDP A . -4.22 12.39 0.06
C6 BDP A . -5.14 13.06 -1.04
O2 BDP A . -0.95 11.16 2.54
O3 BDP A . -2.11 13.89 2.86
O4 BDP A . -4.70 14.16 1.67
O5 BDP A . -3.11 11.54 -0.47
O6A BDP A . -5.90 14.00 -0.71
O6B BDP A . -5.10 12.61 -2.21
H1 BDP A . -2.95 10.18 1.12
H2 BDP A . -0.94 12.48 0.92
H3 BDP A . -3.36 12.23 2.78
H4 BDP A . -3.03 14.15 0.42
H5 BDP A . -4.87 11.74 0.65
HO2 BDP A . -0.43 10.47 2.10
HO3 BDP A . -2.82 14.50 3.13
HO4 BDP A . -5.34 14.38 0.97
C1 NGA A . 4.72 -12.36 1.86
C2 NGA A . 3.28 -11.81 1.67
C3 NGA A . 3.28 -10.27 1.65
C4 NGA A . 3.98 -9.69 2.88
C5 NGA A . 5.40 -10.28 3.05
C6 NGA A . 6.12 -9.79 4.32
C7 NGA A . 1.52 -12.97 0.38
C8 NGA A . 1.04 -13.38 -1.03
N2 NGA A . 2.68 -12.31 0.43
O1 NGA A . 4.72 -13.78 1.99
O3 NGA A . 1.88 -9.77 1.59
O4 NGA A . 3.18 -9.99 4.05
O5 NGA A . 5.33 -11.77 3.06
O6 NGA A . 7.42 -10.40 4.36
O7 NGA A . 0.89 -13.25 1.40
H1 NGA A . 5.32 -12.09 0.99
H2 NGA A . 2.68 -12.14 2.52
H3 NGA A . 3.82 -9.95 0.76
H4 NGA A . 4.06 -8.61 2.78
H5 NGA A . 5.99 -9.97 2.18
H61 NGA A . 6.21 -8.71 4.31
H62 NGA A . 5.55 -10.09 5.21
H81 NGA A . 0.07 -13.89 -0.95
H82 NGA A . 1.76 -14.04 -1.49
H83 NGA A . 0.92 -12.48 -1.64
HN2 NGA A . 3.18 -12.12 -0.44
HO1 NGA A . 5.60 -14.06 2.25
HO4 NGA A . 2.30 -9.61 3.91
HO6 NGA A . 7.28 -11.36 4.24
C1 BDP A . 1.69 -8.62 0.69
C2 BDP A . 0.18 -8.40 0.43
C3 BDP A . -0.03 -7.15 -0.43
C4 BDP A . 0.64 -5.90 0.18
C5 BDP A . 2.12 -6.13 0.54
C6 BDP A . 2.67 -4.86 1.31
O2 BDP A . -0.37 -9.55 -0.28
O3 BDP A . -1.45 -6.89 -0.58
O4 BDP A . 0.53 -4.86 -0.86
O5 BDP A . 2.24 -7.41 1.31
O6A BDP A . 3.00 -4.99 2.51
O6B BDP A . 2.80 -3.77 0.69
H1 BDP A . 2.20 -8.82 -0.26
H2 BDP A . -0.34 -8.29 1.39
H3 BDP A . 0.40 -7.33 -1.42
H4 BDP A . 0.09 -5.60 1.07
H5 BDP A . 2.69 -6.24 -0.39
HO2 BDP A . -1.28 -9.32 -0.52
HO3 BDP A . -1.55 -5.98 -0.93
C1 NGA A . -0.22 -3.67 -0.46
C2 NGA A . 0.04 -2.50 -1.44
C3 NGA A . -0.81 -1.28 -1.04
C4 NGA A . -2.30 -1.64 -0.90
C5 NGA A . -2.51 -2.85 0.03
C6 NGA A . -3.96 -3.32 0.12
C7 NGA A . 2.11 -1.71 -2.52
C8 NGA A . 3.63 -1.51 -2.35
N2 NGA A . 1.47 -2.18 -1.45
O3 NGA A . -0.70 -0.22 -2.07
O4 NGA A . -2.82 -1.93 -2.21
O5 NGA A . -1.66 -3.98 -0.42
O6 NGA A . -4.03 -4.44 1.04
O7 NGA A . 1.53 -1.42 -3.57
H1 NGA A . 0.09 -3.37 0.54
H2 NGA A . -0.25 -2.82 -2.44
H3 NGA A . -0.44 -0.90 -0.09
H4 NGA A . -2.83 -0.78 -0.49
H5 NGA A . -2.17 -2.57 1.03
H61 NGA A . -4.60 -2.51 0.49
H62 NGA A . -4.33 -3.63 -0.85
H81 NGA A . 4.06 -1.08 -3.25
H82 NGA A . 4.10 -2.48 -2.16
H83 NGA A . 3.82 -0.85 -1.50
HN2 NGA A . 1.99 -2.48 -0.64
HO4 NGA A . -2.62 -1.18 -2.78
HO6 NGA A . -3.37 -5.08 0.74
C1 BDP A . -0.38 1.11 -1.56
C2 BDP A . 0.00 2.01 -2.75
C3 BDP A . 0.25 3.44 -2.26
C4 BDP A . -0.93 3.99 -1.43
C5 BDP A . -1.39 3.05 -0.32
C6 BDP A . -2.69 3.62 0.35
O2 BDP A . 1.21 1.46 -3.35
O3 BDP A . 0.46 4.35 -3.38
O4 BDP A . -0.45 5.27 -0.84
O5 BDP A . -1.56 1.69 -0.88
O6A BDP A . -2.61 4.64 1.10
O6B BDP A . -3.79 3.07 0.13
H1 BDP A . 0.45 1.04 -0.86
H2 BDP A . -0.80 2.00 -3.48
H3 BDP A . 1.14 3.46 -1.63
H4 BDP A . -1.77 4.19 -2.10
H5 BDP A . -0.62 3.00 0.45
HO2 BDP A . 1.05 0.51 -3.47
HO3 BDP A . 0.38 5.26 -3.04
C1 NGA A . -1.23 6.45 -1.22
C2 NGA A . -0.89 7.64 -0.29
C3 NGA A . -1.68 8.88 -0.73
C4 NGA A . -1.48 9.19 -2.22
C5 NGA A . -1.74 7.96 -3.11
C6 NGA A . -1.43 8.19 -4.59
C7 NGA A . -0.56 7.75 2.15
C8 NGA A . -0.98 7.18 3.52
N2 NGA A . -1.21 7.28 1.09
O3 NGA A . -1.25 10.07 0.04
O4 NGA A . -0.11 9.64 -2.40
O5 NGA A . -0.94 6.80 -2.62
O6 NGA A . -1.74 6.98 -5.32
O7 NGA A . 0.32 8.60 2.05
H1 NGA A . -2.29 6.21 -1.14
H2 NGA A . 0.17 7.85 -0.37
H3 NGA A . -2.75 8.70 -0.56
H4 NGA A . -2.14 9.99 -2.52
H5 NGA A . -2.80 7.70 -3.01
H61 NGA A . -2.03 9.01 -4.99
H62 NGA A . -0.38 8.43 -4.73
H81 NGA A . -0.79 6.10 3.55
H82 NGA A . -2.05 7.35 3.67
H83 NGA A . -0.43 7.67 4.32
HN2 NGA A . -1.88 6.52 1.22
HO4 NGA A . 0.04 10.37 -1.78
HO6 NGA A . -1.27 6.26 -4.87
C1 BDP A . -2.34 10.84 0.66
C2 BDP A . -1.73 11.83 1.66
C3 BDP A . -2.82 12.75 2.25
C4 BDP A . -3.65 13.42 1.14
C5 BDP A . -4.21 12.40 0.12
C6 BDP A . -5.06 13.11 -1.00
O2 BDP A . -1.09 11.06 2.71
O3 BDP A . -2.22 13.80 3.06
O4 BDP A . -4.75 14.14 1.76
O5 BDP A . -3.08 11.56 -0.37
O6A BDP A . -5.83 14.06 -0.67
O6B BDP A . -4.97 12.71 -2.18
H1 BDP A . -3.02 10.15 1.18
H2 BDP A . -0.98 12.44 1.15
H3 BDP A . -3.49 12.15 2.88
H4 BDP A . -3.03 14.14 0.60
H5 BDP A . -4.90 11.74 0.66
HO2 BDP A . -0.54 10.39 2.28
HO3 BDP A . -2.93 14.41 3.31
HO4 BDP A . -5.36 14.38 1.03
C1 NGA A . 4.95 -12.16 1.61
C2 NGA A . 3.51 -11.64 1.33
C3 NGA A . 3.36 -10.18 1.79
C4 NGA A . 3.80 -9.99 3.24
C5 NGA A . 5.23 -10.54 3.47
C6 NGA A . 5.68 -10.45 4.93
C7 NGA A . 2.00 -12.11 -0.57
C8 NGA A . 1.87 -12.19 -2.11
N2 NGA A . 3.20 -11.74 -0.11
O1 NGA A . 5.06 -13.55 1.30
O3 NGA A . 1.94 -9.76 1.67
O4 NGA A . 2.86 -10.67 4.10
O5 NGA A . 5.30 -11.95 3.02
O6 NGA A . 7.02 -10.99 5.03
O7 NGA A . 1.06 -12.34 0.18
H1 NGA A . 5.66 -11.60 0.99
H2 NGA A . 2.81 -12.26 1.89
H3 NGA A . 3.97 -9.55 1.15
H4 NGA A . 3.78 -8.93 3.48
H5 NGA A . 5.91 -9.95 2.86
H61 NGA A . 5.68 -9.42 5.27
H62 NGA A . 5.03 -11.03 5.58
H81 NGA A . 0.87 -12.52 -2.37
H82 NGA A . 2.61 -12.90 -2.49
H83 NGA A . 2.05 -11.21 -2.54
HN2 NGA A . 3.94 -11.53 -0.75
HO1 NGA A . 5.92 -13.86 1.61
HO4 NGA A . 1.98 -10.34 3.88
HO6 NGA A . 7.00 -11.85 4.60
C1 BDP A . 1.71 -8.60 0.81
C2 BDP A . 0.20 -8.45 0.58
C3 BDP A . -0.08 -7.19 -0.27
C4 BDP A . 0.59 -5.93 0.31
C5 BDP A . 2.07 -6.13 0.66
C6 BDP A . 2.61 -4.84 1.41
O2 BDP A . -0.28 -9.64 -0.11
O3 BDP A . -1.51 -6.94 -0.37
O4 BDP A . 0.46 -4.90 -0.73
O5 BDP A . 2.22 -7.38 1.45
O6A BDP A . 2.86 -4.92 2.63
O6B BDP A . 2.79 -3.77 0.76
H1 BDP A . 2.23 -8.76 -0.14
H2 BDP A . -0.30 -8.37 1.54
H3 BDP A . 0.31 -7.36 -1.27
H4 BDP A . 0.06 -5.63 1.21
H5 BDP A . 2.64 -6.24 -0.26
HO2 BDP A . 0.10 -10.41 0.35
HO3 BDP A . -1.61 -6.03 -0.71
C1 NGA A . -0.28 -3.70 -0.32
C2 NGA A . -0.05 -2.54 -1.33
C3 NGA A . -0.87 -1.31 -0.92
C4 NGA A . -2.35 -1.66 -0.70
C5 NGA A . -2.53 -2.86 0.25
C6 NGA A . -3.99 -3.30 0.41
C7 NGA A . 2.00 -1.79 -2.49
C8 NGA A . 3.51 -1.60 -2.37
N2 NGA A . 1.39 -2.23 -1.39
O3 NGA A . -0.78 -0.27 -1.97
O4 NGA A . -2.92 -1.97 -1.99
O5 NGA A . -1.71 -4.00 -0.22
O6 NGA A . -4.03 -4.40 1.34
O7 NGA A . 1.39 -1.52 -3.52
H1 NGA A . 0.08 -3.38 0.66
H2 NGA A . -0.37 -2.88 -2.31
H3 NGA A . -0.47 -0.92 0.01
H4 NGA A . -2.86 -0.79 -0.29
H5 NGA A . -2.16 -2.55 1.23
H61 NGA A . -4.60 -2.49 0.78
H62 NGA A . -4.39 -3.64 -0.55
H81 NGA A . 3.74 -0.92 -1.55
H82 NGA A . 3.91 -1.19 -3.29
H83 NGA A . 4.00 -2.57 -2.17
HN2 NGA A . 1.94 -2.51 -0.59
HO4 NGA A . -2.74 -1.23 -2.59
HO6 NGA A . -3.39 -5.06 1.03
C1 BDP A . -0.44 1.07 -1.50
C2 BDP A . -0.10 1.93 -2.72
C3 BDP A . 0.18 3.38 -2.28
C4 BDP A . -0.96 3.95 -1.42
C5 BDP A . -1.38 3.05 -0.27
C6 BDP A . -2.65 3.65 0.45
O2 BDP A . 1.08 1.36 -3.36
O3 BDP A . 0.34 4.25 -3.43
O4 BDP A . -0.45 5.24 -0.89
O5 BDP A . -1.58 1.66 -0.79
O6A BDP A . -3.76 3.10 0.28
O6B BDP A . -2.52 4.67 1.19
H1 BDP A . 0.42 1.01 -0.83
H2 BDP A . -0.94 1.91 -3.42
H3 BDP A . 1.10 3.40 -1.69
H4 BDP A . -1.83 4.13 -2.05
H5 BDP A . -0.57 3.01 0.47
HO2 BDP A . 0.91 0.40 -3.45
HO3 BDP A . 0.29 5.17 -3.11
C1 NGA A . -1.26 6.41 -1.26
C2 NGA A . -0.88 7.63 -0.37
C3 NGA A . -1.68 8.86 -0.81
C4 NGA A . -1.55 9.13 -2.31
C5 NGA A . -1.86 7.88 -3.15
C6 NGA A . -1.62 8.07 -4.66
C7 NGA A . -0.41 7.80 2.04
C8 NGA A . -0.77 7.27 3.44
N2 NGA A . -1.12 7.30 1.03
O3 NGA A . -1.21 10.07 -0.08
O4 NGA A . -0.20 9.57 -2.57
O5 NGA A . -1.03 6.74 -2.68
O6 NGA A . -1.96 6.84 -5.34
O7 NGA A . 0.47 8.65 1.87
H1 NGA A . -2.31 6.18 -1.11
H2 NGA A . 0.19 7.83 -0.51
H3 NGA A . -2.74 8.68 -0.58
H4 NGA A . -2.24 9.93 -2.60
H5 NGA A . -2.91 7.62 -3.01
H61 NGA A . -2.25 8.88 -5.04
H62 NGA A . -0.58 8.31 -4.86
H81 NGA A . -0.57 6.19 3.49
H82 NGA A . -1.82 7.45 3.65
H83 NGA A . -0.17 7.78 4.20
HN2 NGA A . -1.78 6.55 1.21
HO4 NGA A . -0.02 10.32 -1.98
HO6 NGA A . -1.47 6.13 -4.89
C1 BDP A . -2.28 10.84 0.57
C2 BDP A . -1.62 11.86 1.51
C3 BDP A . -2.68 12.80 2.13
C4 BDP A . -3.57 13.43 1.05
C5 BDP A . -4.18 12.39 0.11
C6 BDP A . -5.10 13.06 -0.99
O2 BDP A . -0.90 11.13 2.54
O3 BDP A . -2.04 13.87 2.88
O4 BDP A . -4.63 14.16 1.71
O5 BDP A . -3.08 11.54 -0.45
O6A BDP A . -5.86 14.01 -0.65
O6B BDP A . -5.07 12.63 -2.17
H1 BDP A . -2.92 10.17 1.14
H2 BDP A . -0.89 12.46 0.94
H3 BDP A . -3.30 12.22 2.81
H4 BDP A . -2.98 14.14 0.46
H5 BDP A . -4.83 11.73 0.69
HO2 BDP A . -0.39 10.44 2.09
HO3 BDP A . -2.74 14.48 3.16
HO4 BDP A . -5.28 14.38 1.02
C1 NGA A . 4.68 -12.39 1.86
C2 NGA A . 3.24 -11.82 1.69
C3 NGA A . 3.26 -10.29 1.63
C4 NGA A . 3.99 -9.70 2.85
C5 NGA A . 5.40 -10.31 3.00
C6 NGA A . 6.15 -9.82 4.25
C7 NGA A . 1.46 -12.99 0.45
C8 NGA A . 0.93 -13.41 -0.94
N2 NGA A . 2.62 -12.34 0.46
O1 NGA A . 4.66 -13.81 2.02
O3 NGA A . 1.87 -9.76 1.59
O4 NGA A . 3.21 -9.96 4.03
O5 NGA A . 5.32 -11.78 3.04
O6 NGA A . 7.45 -10.43 4.28
O7 NGA A . 0.82 -13.23 1.48
H1 NGA A . 5.27 -12.15 0.98
H2 NGA A . 2.65 -12.13 2.55
H3 NGA A . 3.79 -9.99 0.73
H4 NGA A . 4.09 -8.62 2.72
H5 NGA A . 5.99 -10.02 2.12
H61 NGA A . 6.27 -8.73 4.22
H62 NGA A . 5.61 -10.08 5.16
H81 NGA A . 1.64 -14.10 -1.41
H82 NGA A . 0.83 -12.53 -1.58
H83 NGA A . -0.03 -13.91 -0.85
HN2 NGA A . 3.11 -12.18 -0.41
HO1 NGA A . 5.55 -14.10 2.26
HO4 NGA A . 2.33 -9.57 3.90
HO6 NGA A . 7.30 -11.39 4.17
C1 BDP A . 1.68 -8.62 0.69
C2 BDP A . 0.18 -8.40 0.44
C3 BDP A . -0.02 -7.15 -0.42
C4 BDP A . 0.65 -5.90 0.18
C5 BDP A . 2.12 -6.13 0.54
C6 BDP A . 2.69 -4.87 1.30
O2 BDP A . -0.38 -9.54 -0.27
O3 BDP A . -1.45 -6.87 -0.58
O4 BDP A . 0.55 -4.85 -0.86
O5 BDP A . 2.24 -7.41 1.30
O6A BDP A . 2.81 -3.77 0.69
O6B BDP A . 3.02 -4.99 2.51
H1 BDP A . 2.19 -8.81 -0.25
H2 BDP A . -0.34 -8.29 1.39
H3 BDP A . 0.40 -7.32 -1.41
H4 BDP A . 0.11 -5.59 1.08
H5 BDP A . 2.69 -6.24 -0.39
HO2 BDP A . -1.29 -9.31 -0.51
HO3 BDP A . -1.54 -5.97 -0.92
C1 NGA A . -0.21 -3.66 -0.46
C2 NGA A . 0.06 -2.50 -1.44
C3 NGA A . -0.79 -1.27 -1.04
C4 NGA A . -2.28 -1.63 -0.90
C5 NGA A . -2.49 -2.84 0.04
C6 NGA A . -3.95 -3.30 0.12
C7 NGA A . 2.14 -1.71 -2.52
C8 NGA A . 3.66 -1.52 -2.33
N2 NGA A . 1.49 -2.17 -1.45
O3 NGA A . -0.67 -0.21 -2.07
O4 NGA A . -2.80 -1.92 -2.21
O5 NGA A . -1.65 -3.97 -0.43
O6 NGA A . -4.02 -4.42 1.03
O7 NGA A . 1.56 -1.42 -3.56
H1 NGA A . 0.10 -3.36 0.54
H2 NGA A . -0.24 -2.82 -2.44
H3 NGA A . -0.42 -0.90 -0.08
H4 NGA A . -2.81 -0.77 -0.49
H5 NGA A . -2.16 -2.56 1.04
H61 NGA A . -4.58 -2.49 0.48
H62 NGA A . -4.31 -3.61 -0.87
H81 NGA A . 4.12 -2.48 -2.15
H82 NGA A . 3.84 -0.85 -1.49
H83 NGA A . 4.08 -1.08 -3.24
HN2 NGA A . 2.01 -2.48 -0.63
HO4 NGA A . -2.59 -1.17 -2.78
HO6 NGA A . -3.37 -5.07 0.73
C1 BDP A . -0.36 1.13 -1.56
C2 BDP A . 0.03 2.02 -2.75
C3 BDP A . 0.28 3.46 -2.25
C4 BDP A . -0.90 4.01 -1.43
C5 BDP A . -1.37 3.06 -0.31
C6 BDP A . -2.69 3.64 0.34
O2 BDP A . 1.23 1.47 -3.34
O3 BDP A . 0.50 4.36 -3.38
O4 BDP A . -0.43 5.28 -0.84
O5 BDP A . -1.54 1.69 -0.89
O6A BDP A . -2.60 4.64 1.10
O6B BDP A . -3.78 3.07 0.10
H1 BDP A . 0.46 1.05 -0.84
H2 BDP A . -0.77 2.01 -3.48
H3 BDP A . 1.17 3.46 -1.62
H4 BDP A . -1.74 4.19 -2.11
H5 BDP A . -0.60 3.01 0.46
HO2 BDP A . 1.08 0.51 -3.46
HO3 BDP A . 0.41 5.26 -3.04
C1 NGA A . -1.22 6.45 -1.23
C2 NGA A . -0.89 7.65 -0.29
C3 NGA A . -1.68 8.88 -0.73
C4 NGA A . -1.47 9.19 -2.22
C5 NGA A . -1.73 7.96 -3.11
C6 NGA A . -1.41 8.20 -4.59
C7 NGA A . -0.56 7.76 2.15
C8 NGA A . -0.99 7.19 3.52
N2 NGA A . -1.21 7.29 1.09
O3 NGA A . -1.27 10.07 0.05
O4 NGA A . -0.10 9.65 -2.39
O5 NGA A . -0.92 6.82 -2.62
O6 NGA A . -1.71 6.99 -5.32
O7 NGA A . 0.32 8.62 2.05
H1 NGA A . -2.28 6.21 -1.14
H2 NGA A . 0.17 7.86 -0.36
H3 NGA A . -2.75 8.69 -0.57
H4 NGA A . -2.14 10.00 -2.53
H5 NGA A . -2.77 7.70 -3.03
H61 NGA A . -2.01 9.01 -4.99
H62 NGA A . -0.35 8.44 -4.73
H81 NGA A . -0.43 7.69 4.32
H82 NGA A . -0.78 6.11 3.54
H83 NGA A . -2.05 7.36 3.66
HN2 NGA A . -1.87 6.53 1.21
HO4 NGA A . 0.04 10.38 -1.78
HO6 NGA A . -1.24 6.27 -4.87
C1 BDP A . -2.36 10.83 0.66
C2 BDP A . -1.75 11.83 1.66
C3 BDP A . -2.86 12.74 2.25
C4 BDP A . -3.69 13.40 1.13
C5 BDP A . -4.24 12.38 0.13
C6 BDP A . -5.10 13.09 -0.99
O2 BDP A . -1.10 11.07 2.71
O3 BDP A . -2.27 13.80 3.07
O4 BDP A . -4.80 14.10 1.76
O5 BDP A . -3.11 11.56 -0.38
O6A BDP A . -5.01 12.68 -2.18
O6B BDP A . -5.88 14.02 -0.67
H1 BDP A . -3.03 10.14 1.17
H2 BDP A . -1.01 12.44 1.14
H3 BDP A . -3.52 12.13 2.88
H4 BDP A . -3.07 14.12 0.60
H5 BDP A . -4.92 11.71 0.65
HO2 BDP A . -0.56 10.39 2.27
HO3 BDP A . -2.99 14.39 3.32
HO4 BDP A . -5.40 14.34 1.04
C1 NGA A . 4.92 -12.19 1.56
C2 NGA A . 3.49 -11.66 1.30
C3 NGA A . 3.35 -10.21 1.76
C4 NGA A . 3.82 -10.01 3.20
C5 NGA A . 5.24 -10.58 3.42
C6 NGA A . 5.72 -10.49 4.88
C7 NGA A . 1.95 -12.12 -0.58
C8 NGA A . 1.80 -12.21 -2.11
N2 NGA A . 3.17 -11.77 -0.13
O1 NGA A . 5.02 -13.59 1.25
O3 NGA A . 1.94 -9.77 1.67
O4 NGA A . 2.88 -10.69 4.08
O5 NGA A . 5.30 -11.99 2.97
O6 NGA A . 7.05 -11.04 4.96
O7 NGA A . 1.01 -12.34 0.18
H1 NGA A . 5.64 -11.66 0.94
H2 NGA A . 2.79 -12.29 1.87
H3 NGA A . 3.97 -9.59 1.11
H4 NGA A . 3.81 -8.95 3.44
H5 NGA A . 5.93 -9.99 2.80
H61 NGA A . 5.73 -9.45 5.21
H62 NGA A . 5.06 -11.06 5.53
H81 NGA A . 0.80 -12.53 -2.36
H82 NGA A . 2.52 -12.93 -2.51
H83 NGA A . 1.99 -11.23 -2.55
HN2 NGA A . 3.90 -11.57 -0.80
HO1 NGA A . 5.89 -13.90 1.56
HO4 NGA A . 1.99 -10.34 3.88
HO6 NGA A . 7.01 -11.91 4.52
C1 BDP A . 1.71 -8.62 0.81
C2 BDP A . 0.19 -8.45 0.59
C3 BDP A . -0.08 -7.19 -0.25
C4 BDP A . 0.60 -5.93 0.33
C5 BDP A . 2.08 -6.13 0.67
C6 BDP A . 2.64 -4.86 1.41
O2 BDP A . -0.29 -9.63 -0.11
O3 BDP A . -1.51 -6.92 -0.33
O4 BDP A . 0.47 -4.90 -0.71
O5 BDP A . 2.23 -7.40 1.44
O6A BDP A . 2.80 -3.79 0.78
O6B BDP A . 2.90 -4.95 2.64
H1 BDP A . 2.21 -8.77 -0.15
H2 BDP A . -0.30 -8.37 1.56
H3 BDP A . 0.30 -7.34 -1.26
H4 BDP A . 0.07 -5.63 1.24
H5 BDP A . 2.65 -6.24 -0.27
HO2 BDP A . 0.08 -10.40 0.35
HO3 BDP A . -1.62 -6.01 -0.68
C1 NGA A . -0.26 -3.69 -0.29
C2 NGA A . -0.03 -2.54 -1.30
C3 NGA A . -0.85 -1.31 -0.88
C4 NGA A . -2.33 -1.65 -0.67
C5 NGA A . -2.51 -2.84 0.28
C6 NGA A . -3.96 -3.29 0.44
C7 NGA A . 2.02 -1.79 -2.46
C8 NGA A . 3.54 -1.60 -2.35
N2 NGA A . 1.40 -2.23 -1.36
O3 NGA A . -0.76 -0.27 -1.94
O4 NGA A . -2.91 -1.95 -1.96
O5 NGA A . -1.70 -3.99 -0.19
O6 NGA A . -4.01 -4.39 1.38
O7 NGA A . 1.41 -1.52 -3.49
H1 NGA A . 0.11 -3.38 0.69
H2 NGA A . -0.36 -2.87 -2.29
H3 NGA A . -0.43 -0.91 0.04
H4 NGA A . -2.84 -0.78 -0.26
H5 NGA A . -2.13 -2.55 1.26
H61 NGA A . -4.57 -2.47 0.82
H62 NGA A . -4.37 -3.62 -0.52
H81 NGA A . 3.78 -0.92 -1.52
H82 NGA A . 3.94 -1.19 -3.28
H83 NGA A . 4.01 -2.56 -2.16
HN2 NGA A . 1.96 -2.51 -0.56
HO4 NGA A . -2.72 -1.21 -2.55
HO6 NGA A . -3.37 -5.05 1.07
C1 BDP A . -0.43 1.08 -1.47
C2 BDP A . -0.08 1.94 -2.69
C3 BDP A . 0.19 3.39 -2.26
C4 BDP A . -0.95 3.97 -1.41
C5 BDP A . -1.37 3.05 -0.25
C6 BDP A . -2.64 3.66 0.45
O2 BDP A . 1.10 1.37 -3.32
O3 BDP A . 0.37 4.26 -3.41
O4 BDP A . -0.45 5.25 -0.87
O5 BDP A . -1.57 1.67 -0.77
O6A BDP A . -2.53 4.68 1.19
O6B BDP A . -3.76 3.10 0.28
H1 BDP A . 0.43 1.02 -0.79
H2 BDP A . -0.91 1.92 -3.40
H3 BDP A . 1.12 3.41 -1.65
H4 BDP A . -1.82 4.14 -2.05
H5 BDP A . -0.57 3.02 0.50
HO2 BDP A . 0.94 0.41 -3.42
HO3 BDP A . 0.31 5.18 -3.09
C1 NGA A . -1.25 6.42 -1.25
C2 NGA A . -0.88 7.64 -0.37
C3 NGA A . -1.70 8.86 -0.81
C4 NGA A . -1.54 9.13 -2.31
C5 NGA A . -1.84 7.88 -3.16
C6 NGA A . -1.59 8.07 -4.66
C7 NGA A . -0.44 7.83 2.06
C8 NGA A . -0.81 7.29 3.45
N2 NGA A . -1.13 7.32 1.04
O3 NGA A . -1.23 10.07 -0.08
O4 NGA A . -0.19 9.58 -2.56
O5 NGA A . -1.02 6.75 -2.66
O6 NGA A . -1.93 6.84 -5.34
O7 NGA A . 0.43 8.67 1.89
H1 NGA A . -2.31 6.19 -1.11
H2 NGA A . 0.18 7.85 -0.49
H3 NGA A . -2.74 8.68 -0.59
H4 NGA A . -2.23 9.93 -2.61
H5 NGA A . -2.89 7.62 -3.01
H61 NGA A . -2.21 8.87 -5.05
H62 NGA A . -0.54 8.30 -4.84
H81 NGA A . -0.22 7.80 4.21
H82 NGA A . -0.61 6.22 3.51
H83 NGA A . -1.86 7.47 3.64
HN2 NGA A . -1.79 6.56 1.21
HO4 NGA A . -0.01 10.32 -1.97
HO6 NGA A . -1.44 6.13 -4.89
C1 BDP A . -2.30 10.85 0.55
C2 BDP A . -1.64 11.88 1.49
C3 BDP A . -2.71 12.81 2.11
C4 BDP A . -3.60 13.45 1.01
C5 BDP A . -4.20 12.39 0.06
C6 BDP A . -5.11 13.07 -1.04
O2 BDP A . -0.95 11.15 2.54
O3 BDP A . -2.08 13.89 2.86
O4 BDP A . -4.68 14.17 1.67
O5 BDP A . -3.10 11.55 -0.47
O6A BDP A . -5.88 14.02 -0.71
O6B BDP A . -5.06 12.63 -2.22
H1 BDP A . -2.94 10.18 1.12
H2 BDP A . -0.92 12.47 0.93
H3 BDP A . -3.34 12.24 2.78
H4 BDP A . -3.01 14.15 0.43
H5 BDP A . -4.86 11.75 0.64
HO2 BDP A . -0.42 10.46 2.10
HO3 BDP A . -2.79 14.50 3.13
HO4 BDP A . -5.31 14.39 0.96
C1 NGA A . 4.89 -12.23 1.57
C2 NGA A . 3.45 -11.69 1.31
C3 NGA A . 3.33 -10.22 1.74
C4 NGA A . 3.83 -10.01 3.19
C5 NGA A . 5.23 -10.58 3.39
C6 NGA A . 5.73 -10.48 4.84
C7 NGA A . 1.91 -12.15 -0.55
C8 NGA A . 1.74 -12.26 -2.08
N2 NGA A . 3.12 -11.81 -0.12
O1 NGA A . 4.97 -13.64 1.28
O3 NGA A . 1.92 -9.78 1.66
O4 NGA A . 2.88 -10.66 4.07
O5 NGA A . 5.28 -12.01 2.97
O6 NGA A . 7.06 -11.04 4.92
O7 NGA A . 0.96 -12.35 0.23
H1 NGA A . 5.60 -11.70 0.93
H2 NGA A . 2.76 -12.29 1.89
H3 NGA A . 3.95 -9.61 1.08
H4 NGA A . 3.83 -8.94 3.41
H5 NGA A . 5.93 -10.02 2.77
H61 NGA A . 5.76 -9.44 5.17
H62 NGA A . 5.08 -11.04 5.51
H81 NGA A . 1.94 -11.30 -2.54
H82 NGA A . 0.72 -12.57 -2.33
H83 NGA A . 2.44 -13.00 -2.47
HN2 NGA A . 3.85 -11.62 -0.79
HO1 NGA A . 5.83 -13.95 1.58
HO4 NGA A . 2.01 -10.32 3.88
HO6 NGA A . 7.02 -11.92 4.50
C1 BDP A . 1.70 -8.61 0.80
C2 BDP A . 0.19 -8.45 0.59
C3 BDP A . -0.08 -7.18 -0.25
C4 BDP A . 0.61 -5.92 0.33
C5 BDP A . 2.09 -6.13 0.67
C6 BDP A . 2.65 -4.86 1.41
O2 BDP A . -0.31 -9.62 -0.09
O3 BDP A . -1.51 -6.90 -0.32
O4 BDP A . 0.48 -4.89 -0.71
O5 BDP A . 2.23 -7.40 1.44
O6A BDP A . 2.93 -4.95 2.63
O6B BDP A . 2.82 -3.80 0.76
H1 BDP A . 2.19 -8.77 -0.16
H2 BDP A . -0.30 -8.35 1.57
H3 BDP A . 0.30 -7.34 -1.26
H4 BDP A . 0.09 -5.62 1.24
H5 BDP A . 2.65 -6.25 -0.26
HO2 BDP A . 0.07 -10.40 0.37
HO3 BDP A . -1.61 -6.00 -0.66
C1 NGA A . -0.24 -3.68 -0.29
C2 NGA A . -0.01 -2.53 -1.30
C3 NGA A . -0.82 -1.29 -0.88
C4 NGA A . -2.31 -1.63 -0.67
C5 NGA A . -2.49 -2.83 0.28
C6 NGA A . -3.95 -3.27 0.45
C7 NGA A . 2.04 -1.78 -2.46
C8 NGA A . 3.56 -1.61 -2.35
N2 NGA A . 1.43 -2.23 -1.37
O3 NGA A . -0.74 -0.26 -1.94
O4 NGA A . -2.89 -1.95 -1.95
O5 NGA A . -1.68 -3.97 -0.19
O6 NGA A . -4.00 -4.36 1.39
O7 NGA A . 1.42 -1.51 -3.49
H1 NGA A . 0.12 -3.38 0.69
H2 NGA A . -0.34 -2.87 -2.28
H3 NGA A . -0.41 -0.90 0.05
H4 NGA A . -2.81 -0.76 -0.25
H5 NGA A . -2.11 -2.54 1.27
H61 NGA A . -4.56 -2.44 0.82
H62 NGA A . -4.36 -3.60 -0.50
H81 NGA A . 4.03 -2.57 -2.16
H82 NGA A . 3.79 -0.93 -1.53
H83 NGA A . 3.96 -1.20 -3.27
HN2 NGA A . 1.98 -2.52 -0.56
HO4 NGA A . -2.70 -1.19 -2.55
HO6 NGA A . -3.36 -5.03 1.07
C1 BDP A . -0.40 1.09 -1.47
C2 BDP A . -0.05 1.95 -2.69
C3 BDP A . 0.22 3.40 -2.25
C4 BDP A . -0.94 3.97 -1.40
C5 BDP A . -1.36 3.07 -0.25
C6 BDP A . -2.63 3.66 0.46
O2 BDP A . 1.13 1.38 -3.33
O3 BDP A . 0.39 4.28 -3.41
O4 BDP A . -0.44 5.26 -0.87
O5 BDP A . -1.55 1.68 -0.77
O6A BDP A . -2.51 4.68 1.18
O6B BDP A . -3.74 3.11 0.27
H1 BDP A . 0.45 1.03 -0.79
H2 BDP A . -0.88 1.92 -3.40
H3 BDP A . 1.13 3.42 -1.65
H4 BDP A . -1.79 4.14 -2.05
H5 BDP A . -0.55 3.03 0.49
HO2 BDP A . 0.96 0.43 -3.42
HO3 BDP A . 0.33 5.19 -3.09
C1 NGA A . -1.24 6.43 -1.26
C2 NGA A . -0.88 7.64 -0.37
C3 NGA A . -1.69 8.87 -0.82
C4 NGA A . -1.54 9.13 -2.33
C5 NGA A . -1.84 7.88 -3.16
C6 NGA A . -1.58 8.06 -4.66
C7 NGA A . -0.43 7.83 2.05
C8 NGA A . -0.80 7.30 3.45
N2 NGA A . -1.13 7.32 1.04
O3 NGA A . -1.24 10.08 -0.08
O4 NGA A . -0.19 9.59 -2.56
O5 NGA A . -1.01 6.76 -2.67
O6 NGA A . -1.91 6.84 -5.34
O7 NGA A . 0.44 8.69 1.88
H1 NGA A . -2.29 6.19 -1.11
H2 NGA A . 0.18 7.86 -0.49
H3 NGA A . -2.75 8.68 -0.60
H4 NGA A . -2.23 9.93 -2.61
H5 NGA A . -2.89 7.62 -3.02
H61 NGA A . -2.20 8.88 -5.05
H62 NGA A . -0.54 8.32 -4.85
H81 NGA A . -1.86 7.48 3.64
H82 NGA A . -0.21 7.82 4.21
H83 NGA A . -0.59 6.23 3.50
HN2 NGA A . -1.79 6.57 1.21
HO4 NGA A . -0.03 10.34 -1.98
HO6 NGA A . -1.42 6.13 -4.88
C1 BDP A . -2.31 10.85 0.55
C2 BDP A . -1.67 11.88 1.50
C3 BDP A . -2.74 12.81 2.11
C4 BDP A . -3.63 13.43 1.02
C5 BDP A . -4.22 12.37 0.07
C6 BDP A . -5.14 13.04 -1.03
O2 BDP A . -0.96 11.15 2.53
O3 BDP A . -2.12 13.89 2.86
O4 BDP A . -4.71 14.15 1.68
O5 BDP A . -3.12 11.53 -0.47
O6A BDP A . -5.91 13.98 -0.70
O6B BDP A . -5.10 12.60 -2.21
H1 BDP A . -2.95 10.18 1.12
H2 BDP A . -0.95 12.48 0.93
H3 BDP A . -3.37 12.21 2.79
H4 BDP A . -3.05 14.14 0.43
H5 BDP A . -4.88 11.72 0.66
HO2 BDP A . -0.43 10.47 2.10
HO3 BDP A . -2.83 14.49 3.14
HO4 BDP A . -5.36 14.36 0.97
C1 NGA A . 4.95 -12.15 1.66
C2 NGA A . 3.51 -11.63 1.37
C3 NGA A . 3.36 -10.16 1.79
C4 NGA A . 3.81 -9.94 3.25
C5 NGA A . 5.23 -10.49 3.49
C6 NGA A . 5.69 -10.37 4.95
C7 NGA A . 2.00 -12.13 -0.52
C8 NGA A . 1.88 -12.25 -2.05
N2 NGA A . 3.20 -11.77 -0.07
O1 NGA A . 5.06 -13.55 1.38
O3 NGA A . 1.94 -9.75 1.68
O4 NGA A . 2.86 -10.60 4.12
O5 NGA A . 5.30 -11.91 3.07
O6 NGA A . 7.02 -10.90 5.06
O7 NGA A . 1.05 -12.34 0.24
H1 NGA A . 5.66 -11.62 1.03
H2 NGA A . 2.81 -12.24 1.94
H3 NGA A . 3.97 -9.55 1.15
H4 NGA A . 3.80 -8.88 3.47
H5 NGA A . 5.92 -9.91 2.87
H61 NGA A . 5.69 -9.33 5.27
H62 NGA A . 5.03 -10.93 5.61
H81 NGA A . 2.07 -11.27 -2.51
H82 NGA A . 0.86 -12.57 -2.32
H83 NGA A . 2.59 -12.97 -2.42
HN2 NGA A . 3.95 -11.57 -0.71
HO1 NGA A . 5.92 -13.85 1.70
HO4 NGA A . 1.98 -10.27 3.90
HO6 NGA A . 7.00 -11.79 4.65
C1 BDP A . 1.71 -8.59 0.80
C2 BDP A . 0.20 -8.45 0.57
C3 BDP A . -0.07 -7.20 -0.28
C4 BDP A . 0.59 -5.93 0.29
C5 BDP A . 2.07 -6.11 0.64
C6 BDP A . 2.59 -4.83 1.39
O2 BDP A . -0.26 -9.64 -0.11
O3 BDP A . -1.50 -6.94 -0.39
O4 BDP A . 0.45 -4.89 -0.75
O5 BDP A . 2.22 -7.37 1.44
O6A BDP A . 2.84 -4.89 2.62
O6B BDP A . 2.78 -3.76 0.74
H1 BDP A . 2.23 -8.76 -0.14
H2 BDP A . -0.31 -8.36 1.53
H3 BDP A . 0.32 -7.36 -1.29
H4 BDP A . 0.05 -5.63 1.19
H5 BDP A . 2.65 -6.23 -0.28
HO2 BDP A . 0.11 -10.40 0.36
HO3 BDP A . -1.61 -6.04 -0.74
C1 NGA A . -0.28 -3.70 -0.34
C2 NGA A . -0.06 -2.55 -1.35
C3 NGA A . -0.88 -1.32 -0.95
C4 NGA A . -2.36 -1.66 -0.74
C5 NGA A . -2.54 -2.85 0.22
C6 NGA A . -4.00 -3.32 0.37
C7 NGA A . 1.98 -1.79 -2.51
C8 NGA A . 3.51 -1.60 -2.39
N2 NGA A . 1.37 -2.23 -1.42
O3 NGA A . -0.79 -0.28 -2.00
O4 NGA A . -2.94 -1.98 -2.03
O5 NGA A . -1.72 -4.01 -0.25
O6 NGA A . -4.04 -4.41 1.31
O7 NGA A . 1.38 -1.53 -3.54
H1 NGA A . 0.07 -3.39 0.65
H2 NGA A . -0.38 -2.89 -2.34
H3 NGA A . -0.47 -0.92 -0.01
H4 NGA A . -2.88 -0.80 -0.33
H5 NGA A . -2.17 -2.56 1.20
H61 NGA A . -4.62 -2.50 0.73
H62 NGA A . -4.40 -3.65 -0.58
H81 NGA A . 3.74 -0.91 -1.58
H82 NGA A . 3.91 -1.19 -3.33
H83 NGA A . 3.98 -2.56 -2.19
HN2 NGA A . 1.93 -2.50 -0.61
HO4 NGA A . -2.75 -1.24 -2.62
HO6 NGA A . -3.40 -5.07 0.99
C1 BDP A . -0.45 1.06 -1.52
C2 BDP A . -0.10 1.93 -2.74
C3 BDP A . 0.18 3.38 -2.30
C4 BDP A . -0.97 3.95 -1.44
C5 BDP A . -1.38 3.03 -0.28
C6 BDP A . -2.65 3.64 0.44
O2 BDP A . 1.07 1.36 -3.39
O3 BDP A . 0.34 4.26 -3.45
O4 BDP A . -0.46 5.23 -0.90
O5 BDP A . -1.58 1.66 -0.81
O6A BDP A . -3.77 3.09 0.27
O6B BDP A . -2.53 4.65 1.17
H1 BDP A . 0.41 1.00 -0.86
H2 BDP A . -0.94 1.92 -3.45
H3 BDP A . 1.10 3.40 -1.71
H4 BDP A . -1.83 4.13 -2.07
H5 BDP A . -0.58 3.00 0.45
HO2 BDP A . 0.90 0.40 -3.48
HO3 BDP A . 0.27 5.17 -3.13
C1 NGA A . -1.26 6.41 -1.27
C2 NGA A . -0.87 7.62 -0.37
C3 NGA A . -1.68 8.85 -0.80
C4 NGA A . -1.55 9.13 -2.31
C5 NGA A . -1.86 7.88 -3.15
C6 NGA A . -1.62 8.08 -4.65
C7 NGA A . -0.39 7.78 2.04
C8 NGA A . -0.76 7.24 3.44
N2 NGA A . -1.11 7.29 1.03
O3 NGA A . -1.21 10.06 -0.07
O4 NGA A . -0.19 9.58 -2.56
O5 NGA A . -1.03 6.74 -2.68
O6 NGA A . -1.97 6.85 -5.34
O7 NGA A . 0.48 8.62 1.88
H1 NGA A . -2.31 6.18 -1.11
H2 NGA A . 0.20 7.82 -0.51
H3 NGA A . -2.73 8.68 -0.57
H4 NGA A . -2.23 9.93 -2.59
H5 NGA A . -2.90 7.62 -3.00
H61 NGA A . -2.24 8.89 -5.03
H62 NGA A . -0.57 8.32 -4.85
H81 NGA A . -0.16 7.75 4.20
H82 NGA A . -0.57 6.17 3.49
H83 NGA A . -1.82 7.42 3.64
HN2 NGA A . -1.78 6.53 1.21
HO4 NGA A . -0.01 10.31 -1.96
HO6 NGA A . -1.48 6.14 -4.90
C1 BDP A . -2.27 10.83 0.58
C2 BDP A . -1.60 11.84 1.53
C3 BDP A . -2.66 12.77 2.17
C4 BDP A . -3.55 13.42 1.08
C5 BDP A . -4.18 12.38 0.13
C6 BDP A . -5.09 13.06 -0.96
O2 BDP A . -0.89 11.11 2.55
O3 BDP A . -2.02 13.84 2.92
O4 BDP A . -4.62 14.15 1.76
O5 BDP A . -3.07 11.54 -0.42
O6A BDP A . -5.07 12.63 -2.14
O6B BDP A . -5.84 14.01 -0.61
H1 BDP A . -2.91 10.15 1.16
H2 BDP A . -0.89 12.44 0.96
H3 BDP A . -3.29 12.19 2.84
H4 BDP A . -2.97 14.12 0.49
H5 BDP A . -4.82 11.73 0.71
HO2 BDP A . -0.37 10.42 2.11
HO3 BDP A . -2.72 14.45 3.20
HO4 BDP A . -5.27 14.37 1.06
C1 NGA A . 4.66 -12.40 1.80
C2 NGA A . 3.22 -11.84 1.65
C3 NGA A . 3.25 -10.31 1.62
C4 NGA A . 3.98 -9.74 2.85
C5 NGA A . 5.39 -10.34 2.99
C6 NGA A . 6.14 -9.88 4.25
C7 NGA A . 1.44 -12.98 0.37
C8 NGA A . 0.93 -13.37 -1.02
N2 NGA A . 2.61 -12.33 0.41
O1 NGA A . 4.64 -13.84 1.94
O3 NGA A . 1.87 -9.78 1.58
O4 NGA A . 3.20 -10.02 4.03
O5 NGA A . 5.31 -11.83 3.00
O6 NGA A . 7.44 -10.51 4.26
O7 NGA A . 0.81 -13.25 1.40
H1 NGA A . 5.26 -12.15 0.93
H2 NGA A . 2.64 -12.17 2.51
H3 NGA A . 3.78 -9.99 0.72
H4 NGA A . 4.08 -8.65 2.75
H5 NGA A . 5.97 -10.05 2.11
H61 NGA A . 6.26 -8.80 4.24
H62 NGA A . 5.58 -10.17 5.14
H81 NGA A . 0.81 -12.48 -1.63
H82 NGA A . -0.04 -13.87 -0.94
H83 NGA A . 1.63 -14.04 -1.50
HN2 NGA A . 3.09 -12.14 -0.45
HO1 NGA A . 5.53 -14.12 2.18
HO4 NGA A . 2.31 -9.63 3.90
HO6 NGA A . 7.28 -11.46 4.14
C1 BDP A . 1.67 -8.63 0.69
C2 BDP A . 0.17 -8.40 0.45
C3 BDP A . -0.04 -7.13 -0.40
C4 BDP A . 0.65 -5.90 0.19
C5 BDP A . 2.12 -6.14 0.55
C6 BDP A . 2.71 -4.89 1.31
O2 BDP A . -0.41 -9.53 -0.25
O3 BDP A . -1.46 -6.85 -0.54
O4 BDP A . 0.55 -4.85 -0.84
O5 BDP A . 2.25 -7.42 1.30
O6A BDP A . 3.07 -5.03 2.51
O6B BDP A . 2.83 -3.79 0.71
H1 BDP A . 2.17 -8.82 -0.26
H2 BDP A . -0.34 -8.28 1.42
H3 BDP A . 0.37 -7.31 -1.39
H4 BDP A . 0.13 -5.59 1.10
H5 BDP A . 2.70 -6.25 -0.38
HO2 BDP A . -1.32 -9.29 -0.48
HO3 BDP A . -1.54 -5.95 -0.88
C1 NGA A . -0.20 -3.66 -0.43
C2 NGA A . 0.07 -2.49 -1.41
C3 NGA A . -0.77 -1.26 -1.01
C4 NGA A . -2.25 -1.61 -0.86
C5 NGA A . -2.47 -2.82 0.07
C6 NGA A . -3.93 -3.27 0.17
C7 NGA A . 2.16 -1.71 -2.49
C8 NGA A . 3.67 -1.53 -2.31
N2 NGA A . 1.50 -2.18 -1.42
O3 NGA A . -0.64 -0.20 -2.04
O4 NGA A . -2.78 -1.90 -2.17
O5 NGA A . -1.63 -3.96 -0.40
O6 NGA A . -4.01 -4.38 1.08
O7 NGA A . 1.58 -1.41 -3.53
H1 NGA A . 0.13 -3.36 0.57
H2 NGA A . -0.23 -2.81 -2.41
H3 NGA A . -0.39 -0.89 -0.06
H4 NGA A . -2.79 -0.75 -0.45
H5 NGA A . -2.13 -2.55 1.07
H61 NGA A . -4.55 -2.46 0.53
H62 NGA A . -4.30 -3.59 -0.81
H81 NGA A . 3.87 -0.86 -1.47
H82 NGA A . 4.09 -1.09 -3.22
H83 NGA A . 4.13 -2.49 -2.13
HN2 NGA A . 2.02 -2.48 -0.61
HO4 NGA A . -2.58 -1.14 -2.74
HO6 NGA A . -3.35 -5.04 0.77
C1 BDP A . -0.34 1.13 -1.53
C2 BDP A . 0.05 2.02 -2.72
C3 BDP A . 0.30 3.47 -2.24
C4 BDP A . -0.89 4.01 -1.43
C5 BDP A . -1.35 3.08 -0.30
C6 BDP A . -2.66 3.66 0.35
O2 BDP A . 1.26 1.46 -3.32
O3 BDP A . 0.52 4.36 -3.36
O4 BDP A . -0.42 5.29 -0.84
O5 BDP A . -1.52 1.70 -0.87
O6A BDP A . -2.58 4.65 1.11
O6B BDP A . -3.76 3.09 0.11
H1 BDP A . 0.49 1.06 -0.82
H2 BDP A . -0.74 2.01 -3.46
H3 BDP A . 1.19 3.47 -1.60
H4 BDP A . -1.73 4.20 -2.09
H5 BDP A . -0.59 3.03 0.47
HO2 BDP A . 1.11 0.52 -3.44
HO3 BDP A . 0.44 5.27 -3.03
C1 NGA A . -1.21 6.46 -1.23
C2 NGA A . -0.88 7.65 -0.30
C3 NGA A . -1.69 8.90 -0.75
C4 NGA A . -1.47 9.20 -2.24
C5 NGA A . -1.72 7.96 -3.13
C6 NGA A . -1.40 8.19 -4.61
C7 NGA A . -0.55 7.79 2.15
C8 NGA A . -0.97 7.22 3.52
N2 NGA A . -1.20 7.31 1.09
O3 NGA A . -1.28 10.08 0.03
O4 NGA A . -0.11 9.66 -2.41
O5 NGA A . -0.91 6.83 -2.62
O6 NGA A . -1.70 6.97 -5.33
O7 NGA A . 0.33 8.65 2.04
H1 NGA A . -2.26 6.22 -1.14
H2 NGA A . 0.18 7.88 -0.37
H3 NGA A . -2.75 8.70 -0.58
H4 NGA A . -2.15 9.99 -2.54
H5 NGA A . -2.77 7.69 -3.04
H61 NGA A . -2.01 9.00 -5.00
H62 NGA A . -0.35 8.44 -4.74
H81 NGA A . -0.43 7.72 4.30
H82 NGA A . -0.77 6.16 3.55
H83 NGA A . -2.05 7.39 3.66
HN2 NGA A . -1.86 6.55 1.21
HO4 NGA A . 0.02 10.40 -1.79
HO6 NGA A . -1.23 6.26 -4.88
C1 BDP A . -2.37 10.84 0.64
C2 BDP A . -1.77 11.84 1.63
C3 BDP A . -2.88 12.75 2.23
C4 BDP A . -3.73 13.40 1.11
C5 BDP A . -4.28 12.37 0.11
C6 BDP A . -5.14 13.06 -1.01
O2 BDP A . -1.11 11.10 2.69
O3 BDP A . -2.30 13.82 3.03
O4 BDP A . -4.83 14.10 1.74
O5 BDP A . -3.14 11.55 -0.40
O6A BDP A . -5.94 13.98 -0.69
O6B BDP A . -5.05 12.65 -2.20
H1 BDP A . -3.04 10.14 1.16
H2 BDP A . -1.04 12.46 1.11
H3 BDP A . -3.53 12.14 2.86
H4 BDP A . -3.12 14.13 0.57
H5 BDP A . -4.94 11.69 0.64
HO2 BDP A . -0.56 10.42 2.26
HO3 BDP A . -3.03 14.40 3.29
HO4 BDP A . -5.45 14.32 1.01
#